data_5L72
#
_entry.id   5L72
#
_cell.length_a   141.400
_cell.length_b   64.360
_cell.length_c   115.830
_cell.angle_alpha   90.00
_cell.angle_beta   102.88
_cell.angle_gamma   90.00
#
_symmetry.space_group_name_H-M   'C 1 2 1'
#
loop_
_entity.id
_entity.type
_entity.pdbx_description
1 polymer 'Phosphatidylinositol 4,5-bisphosphate 3-kinase catalytic subunit delta isoform'
2 non-polymer N-[6-(5-methanesulfonamido-6-methoxypyridin-3-yl)-1,3-dihydro-2-benzofuran-4-yl]-2-(morpholin-4-yl)acetamide
3 water water
#
_entity_poly.entity_id   1
_entity_poly.type   'polypeptide(L)'
_entity_poly.pdbx_seq_one_letter_code
;GGDRVKKLINSQISLLIGKGLHEFDSLRDPEVNDFRTKMRQFCEEAAAHRQQLGWVEWLQYSFPLQLEPSARGWRAGLLR
VSNRALLVNVKFEGSEESFTFQVSTKDMPLALMACALRKKATVFRQPLVEQPEEYALQVNGRHEYLYGNYPLCHFQYICS
CLHSGLTPHLTMVHSSSILAMRDEQSNPAPQVQKPRAKPPPIPAKKPSSVSLWSLEQPFSIELIEGRKVNADERMKLVVQ
AGLFHGNEMLCKTVSSSEVNVCSEPVWKQRLEFDISVCDLPRMARLCFALYAVVEKAKKARSTKKKSKKADCPIAWANLM
LFDYKDQLKTGERCLYMWPSVPDEKGELLNPAGTVRGNPNTESAAALVIYLPEVAPHPVYFPALEKILELGRHGERGRIT
EEEQLQLREILERRGSGELYEHEKDLVWKMRHEVQEHFPEALARLLLVTKWNKHEDVAQMLYLLCSWPELPVLSALELLD
FSFPDCYVGSFAIKSLRKLTDDELFQYLLQLVQVLKYESYLDCELTKFLLGRALANRKIGHFLFWHLRSEMHVPSVALRF
GLIMEAYCRGSTHHMKVLMKQGEALSKLKALNDFVKVSSQKTTKPQTKEMMHMCMRQETYMEALSHLQSPLDPSTLLEEV
CVEQCTFMDSKMKPLWIMYSSEEAGSAGNVGIIFKNGDDLRQDMLTLQMIQLMDVLWKQEGLDLRMTPYGCLPTGDRTGL
IEVVLHSDTIANIQLNKSNMAATAAFNKDALLNWLKSKNPGEALDRAIEEFTLSCAGYCVATYVLGIGDRHSDNIMIRES
GQLFHIDFGHFLGNFKTKFGINRERVPFILTYDFVHVIQQGKTNNSEKFERFRGYCERAYTILRRHGLLFLHLFALMRAA
GLPELSCSKDIQYLKDSLALGKTEEEALKHFRVKFNEALRESWKTKVNWLAHNVSKDNRQ
;
_entity_poly.pdbx_strand_id   A
#
loop_
_chem_comp.id
_chem_comp.type
_chem_comp.name
_chem_comp.formula
6PF non-polymer N-[6-(5-methanesulfonamido-6-methoxypyridin-3-yl)-1,3-dihydro-2-benzofuran-4-yl]-2-(morpholin-4-yl)acetamide 'C21 H24 N4 O6 S'
#
# COMPACT_ATOMS: atom_id res chain seq x y z
N ARG A 4 30.67 -10.30 -19.57
CA ARG A 4 31.49 -9.90 -18.43
C ARG A 4 30.75 -8.86 -17.56
N VAL A 5 29.91 -8.04 -18.20
CA VAL A 5 29.07 -7.01 -17.56
C VAL A 5 27.82 -7.71 -17.02
N LYS A 6 27.32 -8.72 -17.76
CA LYS A 6 26.17 -9.54 -17.39
C LYS A 6 26.34 -10.15 -15.98
N LYS A 7 27.38 -11.01 -15.74
CA LYS A 7 27.63 -11.62 -14.43
C LYS A 7 27.84 -10.55 -13.34
N LEU A 8 28.30 -9.34 -13.73
CA LEU A 8 28.41 -8.26 -12.75
C LEU A 8 26.99 -7.79 -12.41
N ILE A 9 26.11 -7.63 -13.41
CA ILE A 9 24.71 -7.21 -13.20
C ILE A 9 23.96 -8.25 -12.36
N ASN A 10 24.08 -9.56 -12.74
CA ASN A 10 23.40 -10.71 -12.12
C ASN A 10 23.81 -10.95 -10.71
N SER A 11 25.07 -10.64 -10.33
CA SER A 11 25.53 -10.79 -8.93
C SER A 11 24.88 -9.67 -8.06
N GLN A 12 24.73 -8.50 -8.68
CA GLN A 12 24.16 -7.31 -8.09
C GLN A 12 22.67 -7.46 -7.92
N ILE A 13 21.94 -8.03 -8.93
CA ILE A 13 20.47 -8.22 -8.81
C ILE A 13 20.23 -9.13 -7.62
N SER A 14 20.90 -10.32 -7.61
CA SER A 14 20.80 -11.34 -6.55
C SER A 14 21.04 -10.74 -5.15
N LEU A 15 22.07 -9.89 -5.00
CA LEU A 15 22.42 -9.22 -3.75
C LEU A 15 21.32 -8.26 -3.34
N LEU A 16 20.82 -7.47 -4.31
CA LEU A 16 19.73 -6.51 -4.10
C LEU A 16 18.43 -7.21 -3.65
N ILE A 17 18.10 -8.36 -4.24
CA ILE A 17 16.85 -9.05 -3.92
C ILE A 17 17.04 -10.03 -2.77
N GLY A 18 18.29 -10.28 -2.41
CA GLY A 18 18.66 -11.23 -1.36
C GLY A 18 18.20 -12.63 -1.63
N LYS A 19 18.48 -13.13 -2.87
CA LYS A 19 18.14 -14.45 -3.43
C LYS A 19 18.93 -14.69 -4.77
N GLY A 20 19.87 -15.63 -4.74
CA GLY A 20 20.71 -16.02 -5.87
C GLY A 20 19.91 -16.54 -7.05
N LEU A 21 20.04 -15.86 -8.20
CA LEU A 21 19.28 -16.15 -9.44
C LEU A 21 19.40 -17.60 -9.88
N HIS A 22 20.50 -18.28 -9.47
CA HIS A 22 20.79 -19.71 -9.75
C HIS A 22 19.67 -20.58 -9.18
N GLU A 23 19.07 -20.15 -8.06
CA GLU A 23 17.97 -20.87 -7.40
C GLU A 23 16.72 -20.98 -8.29
N PHE A 24 16.46 -19.95 -9.15
CA PHE A 24 15.34 -19.93 -10.09
C PHE A 24 15.54 -20.99 -11.19
N ASP A 25 16.79 -21.14 -11.63
CA ASP A 25 17.19 -22.08 -12.66
C ASP A 25 17.15 -23.46 -12.04
N SER A 26 17.58 -23.58 -10.76
CA SER A 26 17.64 -24.84 -10.00
C SER A 26 16.31 -25.60 -9.95
N LEU A 27 15.19 -24.83 -9.89
CA LEU A 27 13.81 -25.32 -9.84
C LEU A 27 13.44 -26.06 -11.11
N ARG A 28 14.07 -25.67 -12.25
CA ARG A 28 13.89 -26.20 -13.60
C ARG A 28 12.41 -26.20 -13.94
N ASP A 29 11.71 -25.13 -13.56
CA ASP A 29 10.28 -24.95 -13.75
C ASP A 29 10.00 -24.17 -15.06
N PRO A 30 9.22 -24.73 -16.03
CA PRO A 30 8.96 -23.99 -17.27
C PRO A 30 8.11 -22.73 -17.12
N GLU A 31 7.31 -22.61 -16.03
CA GLU A 31 6.50 -21.42 -15.74
C GLU A 31 7.39 -20.27 -15.31
N VAL A 32 8.43 -20.56 -14.48
CA VAL A 32 9.39 -19.56 -14.01
C VAL A 32 10.29 -19.16 -15.19
N ASN A 33 10.82 -20.16 -15.93
CA ASN A 33 11.69 -20.00 -17.10
C ASN A 33 11.08 -19.13 -18.21
N ASP A 34 9.74 -19.16 -18.37
CA ASP A 34 9.00 -18.36 -19.35
C ASP A 34 8.75 -16.93 -18.87
N PHE A 35 8.48 -16.73 -17.57
CA PHE A 35 8.27 -15.42 -16.98
C PHE A 35 9.57 -14.61 -17.06
N ARG A 36 10.69 -15.26 -16.73
CA ARG A 36 12.01 -14.66 -16.78
C ARG A 36 12.34 -14.19 -18.22
N THR A 37 12.08 -15.02 -19.25
CA THR A 37 12.35 -14.61 -20.63
C THR A 37 11.33 -13.54 -21.09
N LYS A 38 10.01 -13.84 -21.02
CA LYS A 38 8.92 -12.94 -21.43
C LYS A 38 9.00 -11.54 -20.78
N MET A 39 9.10 -11.49 -19.43
CA MET A 39 9.12 -10.22 -18.68
C MET A 39 10.43 -9.44 -18.79
N ARG A 40 11.59 -10.11 -18.98
CA ARG A 40 12.88 -9.43 -19.20
C ARG A 40 12.72 -8.56 -20.43
N GLN A 41 12.26 -9.16 -21.57
CA GLN A 41 11.99 -8.55 -22.89
C GLN A 41 11.16 -7.27 -22.74
N PHE A 42 10.02 -7.35 -22.00
CA PHE A 42 9.12 -6.23 -21.72
C PHE A 42 9.88 -5.09 -21.05
N CYS A 43 10.68 -5.42 -20.01
CA CYS A 43 11.43 -4.45 -19.23
C CYS A 43 12.57 -3.86 -20.02
N GLU A 44 13.18 -4.67 -20.89
CA GLU A 44 14.24 -4.22 -21.77
C GLU A 44 13.67 -3.19 -22.76
N GLU A 45 12.49 -3.47 -23.33
CA GLU A 45 11.73 -2.59 -24.24
C GLU A 45 11.39 -1.27 -23.56
N ALA A 46 11.09 -1.31 -22.25
CA ALA A 46 10.74 -0.15 -21.43
C ALA A 46 11.93 0.77 -21.25
N ALA A 47 13.08 0.20 -20.79
CA ALA A 47 14.34 0.90 -20.56
C ALA A 47 14.77 1.65 -21.84
N ALA A 48 14.63 0.98 -23.00
CA ALA A 48 14.96 1.49 -24.32
C ALA A 48 14.15 2.74 -24.62
N HIS A 49 12.80 2.66 -24.53
CA HIS A 49 11.84 3.76 -24.76
C HIS A 49 12.11 4.93 -23.84
N ARG A 50 12.61 4.63 -22.66
CA ARG A 50 12.96 5.58 -21.61
C ARG A 50 14.26 6.30 -21.91
N GLN A 51 15.17 5.68 -22.64
CA GLN A 51 16.47 6.30 -22.92
C GLN A 51 16.42 7.26 -24.10
N GLN A 52 15.29 7.33 -24.81
CA GLN A 52 15.05 8.17 -25.98
C GLN A 52 13.95 9.20 -25.71
N LEU A 53 13.56 9.34 -24.42
CA LEU A 53 12.57 10.32 -23.94
C LEU A 53 13.14 11.72 -24.09
N GLY A 54 12.26 12.71 -24.20
CA GLY A 54 12.65 14.11 -24.26
C GLY A 54 13.17 14.59 -22.91
N TRP A 55 13.84 15.77 -22.89
CA TRP A 55 14.40 16.29 -21.64
C TRP A 55 13.31 16.59 -20.61
N VAL A 56 12.11 17.07 -21.03
CA VAL A 56 10.96 17.31 -20.12
C VAL A 56 10.40 15.92 -19.70
N GLU A 57 10.24 15.02 -20.67
CA GLU A 57 9.72 13.68 -20.47
C GLU A 57 10.53 12.92 -19.45
N TRP A 58 11.88 13.10 -19.45
CA TRP A 58 12.81 12.47 -18.49
C TRP A 58 12.51 13.00 -17.07
N LEU A 59 12.21 14.31 -16.96
CA LEU A 59 11.86 14.90 -15.68
C LEU A 59 10.65 14.19 -15.12
N GLN A 60 9.61 13.99 -15.95
CA GLN A 60 8.36 13.30 -15.61
C GLN A 60 8.59 11.84 -15.19
N TYR A 61 9.81 11.30 -15.36
CA TYR A 61 10.15 9.94 -14.97
C TYR A 61 10.89 9.98 -13.62
N SER A 62 12.12 10.52 -13.63
CA SER A 62 13.04 10.65 -12.49
C SER A 62 12.41 11.45 -11.34
N PHE A 63 11.71 12.54 -11.68
CA PHE A 63 11.10 13.43 -10.72
C PHE A 63 9.63 13.74 -11.11
N PRO A 64 8.68 12.83 -10.76
CA PRO A 64 7.25 13.08 -11.07
C PRO A 64 6.75 14.21 -10.23
N LEU A 65 5.87 15.06 -10.79
CA LEU A 65 5.33 16.22 -10.08
C LEU A 65 4.57 15.90 -8.80
N GLN A 66 4.94 16.62 -7.72
CA GLN A 66 4.32 16.55 -6.40
C GLN A 66 3.36 17.74 -6.24
N LEU A 67 2.06 17.51 -6.48
CA LEU A 67 1.04 18.56 -6.50
C LEU A 67 0.04 18.53 -5.34
N GLU A 68 -0.58 19.68 -5.07
CA GLU A 68 -1.59 19.80 -4.02
C GLU A 68 -2.87 19.05 -4.42
N PRO A 69 -3.42 18.14 -3.54
CA PRO A 69 -4.65 17.40 -3.90
C PRO A 69 -5.69 18.23 -4.62
N SER A 70 -5.90 19.47 -4.11
CA SER A 70 -6.84 20.48 -4.63
C SER A 70 -6.61 20.83 -6.12
N ALA A 71 -5.32 20.86 -6.57
CA ALA A 71 -4.85 21.18 -7.92
C ALA A 71 -4.85 20.03 -8.94
N ARG A 72 -4.52 18.79 -8.49
CA ARG A 72 -4.48 17.61 -9.37
C ARG A 72 -5.88 17.14 -9.79
N GLY A 73 -6.21 17.32 -11.08
CA GLY A 73 -7.49 16.97 -11.66
C GLY A 73 -8.38 18.18 -11.90
N ASN A 83 -2.03 37.05 -6.75
CA ASN A 83 -2.97 36.66 -5.71
C ASN A 83 -2.38 36.87 -4.31
N ARG A 84 -1.21 36.25 -4.02
CA ARG A 84 -0.52 36.38 -2.72
C ARG A 84 0.99 36.68 -2.91
N ALA A 85 1.55 37.61 -2.09
CA ALA A 85 2.97 38.02 -2.12
C ALA A 85 3.89 36.88 -1.67
N LEU A 86 4.86 36.50 -2.52
CA LEU A 86 5.74 35.37 -2.24
C LEU A 86 7.20 35.59 -2.64
N LEU A 87 8.08 35.67 -1.63
CA LEU A 87 9.52 35.78 -1.87
C LEU A 87 10.12 34.42 -2.22
N VAL A 88 10.93 34.36 -3.30
CA VAL A 88 11.52 33.10 -3.77
C VAL A 88 13.00 33.33 -4.09
N ASN A 89 13.87 32.43 -3.57
CA ASN A 89 15.31 32.46 -3.80
C ASN A 89 15.74 31.49 -4.91
N VAL A 90 15.88 31.99 -6.11
CA VAL A 90 16.36 31.20 -7.25
C VAL A 90 17.83 31.48 -7.51
N LYS A 91 18.60 30.41 -7.83
CA LYS A 91 20.00 30.43 -8.25
C LYS A 91 20.12 29.57 -9.53
N PHE A 92 21.33 29.43 -10.09
CA PHE A 92 21.61 28.61 -11.28
C PHE A 92 22.55 27.51 -10.83
N GLU A 93 22.56 26.34 -11.54
CA GLU A 93 23.36 25.14 -11.18
C GLU A 93 24.83 25.46 -10.82
N GLY A 94 25.64 25.70 -11.84
CA GLY A 94 27.04 26.06 -11.68
C GLY A 94 27.16 27.53 -11.30
N SER A 95 26.77 27.83 -10.02
CA SER A 95 26.77 29.17 -9.42
C SER A 95 26.76 29.11 -7.91
N GLU A 96 27.40 30.12 -7.29
CA GLU A 96 27.48 30.32 -5.85
C GLU A 96 26.48 31.40 -5.46
N GLU A 97 26.35 32.46 -6.34
CA GLU A 97 25.43 33.59 -6.22
C GLU A 97 23.97 33.13 -6.31
N SER A 98 23.05 33.90 -5.72
CA SER A 98 21.61 33.63 -5.72
C SER A 98 20.82 34.92 -5.82
N PHE A 99 19.50 34.82 -6.10
CA PHE A 99 18.59 35.95 -6.28
C PHE A 99 17.30 35.76 -5.52
N THR A 100 16.79 36.82 -4.85
CA THR A 100 15.49 36.78 -4.16
C THR A 100 14.50 37.68 -4.92
N PHE A 101 13.42 37.05 -5.45
CA PHE A 101 12.36 37.67 -6.26
C PHE A 101 11.04 37.67 -5.53
N GLN A 102 10.22 38.72 -5.71
CA GLN A 102 8.92 38.81 -5.05
C GLN A 102 7.76 38.46 -6.01
N VAL A 103 7.72 37.18 -6.41
CA VAL A 103 6.71 36.58 -7.27
C VAL A 103 5.32 36.45 -6.55
N SER A 104 4.32 35.95 -7.26
CA SER A 104 2.99 35.69 -6.72
C SER A 104 2.73 34.17 -6.78
N THR A 105 1.77 33.70 -5.97
CA THR A 105 1.40 32.28 -5.93
C THR A 105 0.65 31.80 -7.19
N LYS A 106 0.07 32.74 -7.96
CA LYS A 106 -0.66 32.49 -9.19
C LYS A 106 0.23 32.34 -10.42
N ASP A 107 1.53 32.66 -10.28
CA ASP A 107 2.49 32.63 -11.40
C ASP A 107 2.91 31.22 -11.76
N MET A 108 3.08 30.97 -13.07
CA MET A 108 3.56 29.69 -13.61
C MET A 108 5.08 29.68 -13.32
N PRO A 109 5.77 28.51 -13.26
CA PRO A 109 7.22 28.53 -13.01
C PRO A 109 8.00 29.36 -14.05
N LEU A 110 7.53 29.37 -15.33
CA LEU A 110 8.15 30.04 -16.49
C LEU A 110 8.41 31.51 -16.30
N ALA A 111 7.46 32.22 -15.65
CA ALA A 111 7.56 33.68 -15.37
C ALA A 111 8.72 33.97 -14.42
N LEU A 112 9.01 32.99 -13.55
CA LEU A 112 10.09 33.02 -12.58
C LEU A 112 11.38 32.77 -13.34
N MET A 113 11.38 31.79 -14.26
CA MET A 113 12.58 31.48 -15.00
C MET A 113 12.96 32.69 -15.88
N ALA A 114 11.94 33.34 -16.49
CA ALA A 114 12.07 34.54 -17.31
C ALA A 114 12.64 35.67 -16.45
N CYS A 115 12.20 35.77 -15.17
CA CYS A 115 12.66 36.72 -14.15
C CYS A 115 14.16 36.47 -13.82
N ALA A 116 14.51 35.20 -13.54
CA ALA A 116 15.85 34.74 -13.17
C ALA A 116 16.92 34.98 -14.25
N LEU A 117 16.59 34.73 -15.54
CA LEU A 117 17.49 34.91 -16.68
C LEU A 117 17.66 36.40 -17.05
N ARG A 118 16.73 37.27 -16.61
CA ARG A 118 16.81 38.72 -16.84
C ARG A 118 17.81 39.27 -15.81
N LYS A 119 17.66 38.83 -14.52
CA LYS A 119 18.54 39.20 -13.41
C LYS A 119 19.97 38.74 -13.68
N LYS A 120 20.14 37.50 -14.21
CA LYS A 120 21.44 36.93 -14.59
C LYS A 120 22.11 37.81 -15.66
N ALA A 121 21.36 38.14 -16.74
CA ALA A 121 21.82 38.96 -17.85
C ALA A 121 22.44 40.27 -17.34
N THR A 122 21.66 41.04 -16.53
CA THR A 122 22.10 42.31 -15.96
C THR A 122 23.35 42.13 -15.11
N VAL A 123 23.37 41.15 -14.19
CA VAL A 123 24.52 40.88 -13.31
C VAL A 123 25.77 40.60 -14.15
N PHE A 124 25.71 39.53 -14.99
CA PHE A 124 26.80 39.07 -15.85
C PHE A 124 27.09 39.96 -17.09
N ARG A 125 26.36 41.09 -17.26
CA ARG A 125 26.52 42.06 -18.35
C ARG A 125 26.54 41.41 -19.74
N GLN A 126 25.53 40.59 -20.04
CA GLN A 126 25.45 39.91 -21.33
C GLN A 126 24.04 39.79 -21.87
N PRO A 127 23.82 40.12 -23.17
CA PRO A 127 22.48 39.94 -23.76
C PRO A 127 22.26 38.43 -23.97
N LEU A 128 21.61 37.81 -22.97
CA LEU A 128 21.38 36.38 -22.84
C LEU A 128 20.52 35.75 -23.93
N VAL A 129 21.13 34.78 -24.64
CA VAL A 129 20.59 33.94 -25.72
C VAL A 129 19.47 33.05 -25.18
N GLU A 130 19.61 32.63 -23.90
CA GLU A 130 18.73 31.74 -23.17
C GLU A 130 17.29 32.21 -23.00
N GLN A 131 16.38 31.25 -23.21
CA GLN A 131 14.91 31.33 -23.07
C GLN A 131 14.50 30.53 -21.81
N PRO A 132 13.36 30.82 -21.16
CA PRO A 132 12.98 30.07 -19.96
C PRO A 132 12.42 28.66 -20.26
N GLU A 133 12.23 28.33 -21.54
CA GLU A 133 11.73 27.01 -21.96
C GLU A 133 12.84 25.98 -21.87
N GLU A 134 14.11 26.45 -21.85
CA GLU A 134 15.29 25.60 -21.79
C GLU A 134 15.61 25.20 -20.36
N TYR A 135 14.84 25.68 -19.40
CA TYR A 135 15.13 25.42 -17.99
C TYR A 135 14.08 24.69 -17.20
N ALA A 136 14.51 24.17 -16.06
CA ALA A 136 13.72 23.50 -15.03
C ALA A 136 14.10 24.11 -13.63
N LEU A 137 13.24 23.92 -12.60
CA LEU A 137 13.54 24.47 -11.29
C LEU A 137 13.67 23.41 -10.25
N GLN A 138 14.91 23.04 -9.96
CA GLN A 138 15.16 22.04 -8.93
C GLN A 138 14.84 22.60 -7.55
N VAL A 139 14.32 21.79 -6.62
CA VAL A 139 14.17 22.23 -5.23
C VAL A 139 15.60 21.96 -4.70
N ASN A 140 16.24 22.96 -4.08
CA ASN A 140 17.63 22.83 -3.63
C ASN A 140 17.84 21.60 -2.77
N GLY A 141 18.86 20.83 -3.16
CA GLY A 141 19.28 19.59 -2.52
C GLY A 141 18.19 18.55 -2.35
N ARG A 142 17.39 18.38 -3.39
CA ARG A 142 16.27 17.45 -3.40
C ARG A 142 16.14 16.88 -4.80
N HIS A 143 15.42 15.75 -4.96
CA HIS A 143 15.13 15.22 -6.29
C HIS A 143 13.72 15.71 -6.67
N GLU A 144 13.43 16.97 -6.32
CA GLU A 144 12.15 17.60 -6.59
C GLU A 144 12.37 18.70 -7.64
N TYR A 145 11.43 18.81 -8.59
CA TYR A 145 11.48 19.77 -9.68
C TYR A 145 10.14 20.48 -9.86
N LEU A 146 10.22 21.72 -10.34
CA LEU A 146 9.10 22.61 -10.59
C LEU A 146 9.02 22.94 -12.08
N TYR A 147 8.17 22.19 -12.79
CA TYR A 147 7.95 22.28 -14.25
C TYR A 147 6.44 22.29 -14.61
N GLY A 148 6.16 22.42 -15.90
CA GLY A 148 4.79 22.47 -16.38
C GLY A 148 4.22 23.86 -16.33
N ASN A 149 2.90 23.98 -16.59
CA ASN A 149 2.18 25.25 -16.58
C ASN A 149 1.10 25.22 -15.50
N TYR A 150 1.56 25.17 -14.23
CA TYR A 150 0.73 25.13 -13.02
C TYR A 150 1.16 26.32 -12.16
N PRO A 151 0.24 27.11 -11.55
CA PRO A 151 0.68 28.18 -10.65
C PRO A 151 1.57 27.61 -9.56
N LEU A 152 2.47 28.43 -9.02
CA LEU A 152 3.37 28.00 -7.97
C LEU A 152 2.62 27.34 -6.81
N CYS A 153 1.54 27.96 -6.29
CA CYS A 153 0.74 27.46 -5.15
C CYS A 153 0.30 26.00 -5.29
N HIS A 154 0.07 25.52 -6.54
CA HIS A 154 -0.30 24.14 -6.88
C HIS A 154 0.78 23.13 -6.50
N PHE A 155 2.07 23.57 -6.47
CA PHE A 155 3.22 22.74 -6.10
C PHE A 155 3.31 22.61 -4.58
N GLN A 156 3.31 21.34 -4.10
CA GLN A 156 3.42 20.88 -2.72
C GLN A 156 4.52 21.59 -1.94
N TYR A 157 5.73 21.76 -2.56
CA TYR A 157 6.86 22.43 -1.95
C TYR A 157 6.56 23.90 -1.72
N ILE A 158 6.14 24.66 -2.77
CA ILE A 158 5.80 26.09 -2.67
C ILE A 158 4.76 26.32 -1.60
N CYS A 159 3.70 25.47 -1.58
CA CYS A 159 2.60 25.50 -0.62
C CYS A 159 3.04 25.25 0.82
N SER A 160 3.86 24.21 1.05
CA SER A 160 4.37 23.92 2.38
C SER A 160 5.09 25.16 2.93
N CYS A 161 5.93 25.78 2.10
CA CYS A 161 6.71 26.97 2.39
C CYS A 161 5.87 28.11 2.93
N LEU A 162 4.72 28.42 2.29
CA LEU A 162 3.83 29.52 2.71
C LEU A 162 3.28 29.33 4.12
N HIS A 163 2.85 28.09 4.44
CA HIS A 163 2.33 27.73 5.76
C HIS A 163 3.44 27.86 6.77
N SER A 164 4.57 27.15 6.54
CA SER A 164 5.74 27.21 7.42
C SER A 164 6.40 28.62 7.43
N GLY A 165 5.86 29.53 6.62
CA GLY A 165 6.35 30.90 6.45
C GLY A 165 7.73 30.99 5.82
N LEU A 166 8.27 29.85 5.35
CA LEU A 166 9.60 29.74 4.78
C LEU A 166 9.73 30.17 3.32
N THR A 167 10.98 30.50 2.91
CA THR A 167 11.35 30.99 1.58
C THR A 167 11.71 29.83 0.63
N PRO A 168 10.93 29.59 -0.43
CA PRO A 168 11.29 28.54 -1.40
C PRO A 168 12.67 28.74 -2.08
N HIS A 169 13.54 27.72 -2.00
CA HIS A 169 14.86 27.71 -2.61
C HIS A 169 14.86 26.78 -3.81
N LEU A 170 15.04 27.38 -5.00
CA LEU A 170 15.06 26.70 -6.29
C LEU A 170 16.37 26.97 -7.01
N THR A 171 16.88 25.97 -7.76
CA THR A 171 18.08 26.09 -8.59
C THR A 171 17.61 25.91 -10.03
N MET A 172 18.00 26.81 -10.96
CA MET A 172 17.72 26.77 -12.41
C MET A 172 18.62 25.71 -13.08
N VAL A 173 18.02 24.59 -13.55
CA VAL A 173 18.72 23.51 -14.22
C VAL A 173 18.45 23.56 -15.73
N HIS A 174 19.52 23.64 -16.54
CA HIS A 174 19.38 23.69 -18.01
C HIS A 174 19.08 22.31 -18.59
N SER A 175 18.32 22.27 -19.70
CA SER A 175 17.97 21.03 -20.40
C SER A 175 19.19 20.11 -20.62
N SER A 176 20.38 20.71 -20.89
CA SER A 176 21.65 20.01 -21.08
C SER A 176 22.00 19.15 -19.84
N SER A 177 21.83 19.72 -18.63
CA SER A 177 22.12 19.06 -17.37
C SER A 177 21.25 17.82 -17.14
N ILE A 178 19.92 17.94 -17.42
CA ILE A 178 18.92 16.85 -17.30
C ILE A 178 19.27 15.71 -18.25
N LEU A 179 19.62 16.06 -19.51
CA LEU A 179 20.04 15.11 -20.54
C LEU A 179 21.32 14.38 -20.11
N ALA A 180 22.27 15.11 -19.48
CA ALA A 180 23.52 14.58 -18.95
C ALA A 180 23.28 13.53 -17.84
N MET A 181 22.11 13.61 -17.12
CA MET A 181 21.70 12.64 -16.07
C MET A 181 20.99 11.49 -16.74
N ARG A 182 20.18 11.82 -17.77
CA ARG A 182 19.42 10.88 -18.57
C ARG A 182 20.40 9.90 -19.18
N ASP A 183 21.51 10.43 -19.71
CA ASP A 183 22.59 9.66 -20.34
C ASP A 183 23.36 8.84 -19.36
N GLU A 184 23.84 9.45 -18.24
CA GLU A 184 24.67 8.77 -17.23
C GLU A 184 23.95 7.60 -16.56
N GLN A 185 22.71 7.35 -17.00
CA GLN A 185 21.87 6.28 -16.48
C GLN A 185 21.54 5.21 -17.51
N SER A 186 21.89 5.43 -18.80
CA SER A 186 21.68 4.46 -19.88
C SER A 186 22.31 3.11 -19.51
N ASN A 187 21.54 2.02 -19.60
CA ASN A 187 21.96 0.66 -19.25
C ASN A 187 23.15 0.17 -20.08
N SER A 211 -11.86 -31.26 -27.39
CA SER A 211 -12.48 -30.12 -26.73
C SER A 211 -12.87 -30.48 -25.29
N LEU A 212 -12.66 -29.52 -24.34
CA LEU A 212 -12.95 -29.70 -22.90
C LEU A 212 -14.43 -29.91 -22.59
N TRP A 213 -15.32 -29.09 -23.23
CA TRP A 213 -16.77 -29.10 -23.01
C TRP A 213 -17.48 -30.44 -23.40
N SER A 214 -16.73 -31.39 -24.00
CA SER A 214 -17.27 -32.69 -24.34
C SER A 214 -17.24 -33.66 -23.14
N LEU A 215 -16.12 -33.69 -22.41
CA LEU A 215 -15.87 -34.53 -21.21
C LEU A 215 -16.92 -34.31 -20.09
N GLU A 216 -17.95 -35.18 -20.02
CA GLU A 216 -19.04 -35.08 -19.04
C GLU A 216 -18.89 -35.89 -17.73
N GLN A 217 -17.83 -36.73 -17.59
CA GLN A 217 -17.55 -37.56 -16.40
C GLN A 217 -17.34 -36.70 -15.12
N PRO A 218 -17.78 -37.15 -13.91
CA PRO A 218 -17.58 -36.31 -12.71
C PRO A 218 -16.12 -36.29 -12.26
N PHE A 219 -15.49 -35.09 -12.25
CA PHE A 219 -14.08 -34.89 -11.86
C PHE A 219 -13.71 -35.67 -10.60
N SER A 220 -12.70 -36.52 -10.72
CA SER A 220 -12.24 -37.36 -9.61
C SER A 220 -10.73 -37.25 -9.46
N ILE A 221 -10.22 -37.70 -8.30
CA ILE A 221 -8.80 -37.72 -7.98
C ILE A 221 -8.48 -38.93 -7.14
N GLU A 222 -7.19 -39.30 -7.09
CA GLU A 222 -6.73 -40.36 -6.21
C GLU A 222 -5.89 -39.71 -5.15
N LEU A 223 -6.26 -39.92 -3.89
CA LEU A 223 -5.49 -39.49 -2.73
C LEU A 223 -4.68 -40.74 -2.45
N ILE A 224 -3.45 -40.79 -2.99
CA ILE A 224 -2.57 -41.94 -2.87
C ILE A 224 -2.07 -42.06 -1.43
N GLU A 225 -1.14 -41.18 -1.01
CA GLU A 225 -0.53 -41.23 0.31
C GLU A 225 -0.11 -39.87 0.84
N GLY A 226 0.46 -39.89 2.05
CA GLY A 226 1.01 -38.75 2.76
C GLY A 226 2.41 -39.08 3.24
N ARG A 227 3.20 -38.05 3.55
CA ARG A 227 4.60 -38.20 4.03
C ARG A 227 4.90 -37.16 5.11
N LYS A 228 5.95 -37.36 5.91
CA LYS A 228 6.40 -36.39 6.94
C LYS A 228 5.27 -35.80 7.83
N VAL A 229 4.24 -36.61 8.19
CA VAL A 229 3.17 -36.07 9.03
C VAL A 229 3.51 -36.29 10.53
N ASN A 230 2.95 -35.42 11.37
CA ASN A 230 3.13 -35.44 12.81
C ASN A 230 1.79 -35.09 13.47
N ALA A 231 1.30 -35.99 14.33
CA ALA A 231 0.03 -35.88 15.07
C ALA A 231 0.01 -36.84 16.28
N ASP A 232 -0.94 -36.62 17.20
CA ASP A 232 -1.14 -37.38 18.43
C ASP A 232 -1.63 -38.79 18.09
N GLU A 233 -0.84 -39.82 18.50
CA GLU A 233 -1.07 -41.26 18.28
C GLU A 233 -2.50 -41.67 18.57
N ARG A 234 -3.12 -41.08 19.62
CA ARG A 234 -4.49 -41.37 20.11
C ARG A 234 -5.64 -41.12 19.08
N MET A 235 -5.30 -40.43 17.97
CA MET A 235 -6.22 -40.02 16.92
C MET A 235 -6.03 -40.75 15.57
N LYS A 236 -6.92 -40.45 14.59
CA LYS A 236 -6.92 -40.95 13.21
C LYS A 236 -6.87 -39.71 12.29
N LEU A 237 -6.29 -39.87 11.07
CA LEU A 237 -6.12 -38.80 10.07
C LEU A 237 -7.22 -38.80 9.01
N VAL A 238 -7.56 -37.58 8.51
CA VAL A 238 -8.62 -37.34 7.50
C VAL A 238 -8.14 -36.30 6.48
N VAL A 239 -8.39 -36.55 5.18
CA VAL A 239 -8.08 -35.57 4.13
C VAL A 239 -9.39 -35.00 3.60
N GLN A 240 -9.62 -33.70 3.79
CA GLN A 240 -10.83 -33.04 3.32
C GLN A 240 -10.47 -32.19 2.11
N ALA A 241 -10.90 -32.63 0.93
CA ALA A 241 -10.67 -31.92 -0.32
C ALA A 241 -11.94 -31.22 -0.81
N GLY A 242 -11.77 -30.08 -1.44
CA GLY A 242 -12.86 -29.31 -1.99
C GLY A 242 -12.43 -28.52 -3.21
N LEU A 243 -13.38 -28.30 -4.16
CA LEU A 243 -13.15 -27.54 -5.39
C LEU A 243 -13.72 -26.17 -5.24
N PHE A 244 -12.85 -25.14 -5.34
CA PHE A 244 -13.22 -23.74 -5.17
C PHE A 244 -12.90 -22.84 -6.38
N HIS A 245 -13.72 -21.79 -6.59
CA HIS A 245 -13.53 -20.72 -7.59
C HIS A 245 -13.51 -19.36 -6.83
N GLY A 246 -12.33 -19.03 -6.33
CA GLY A 246 -12.10 -17.86 -5.50
C GLY A 246 -12.40 -18.25 -4.08
N ASN A 247 -13.56 -17.82 -3.56
CA ASN A 247 -14.03 -18.16 -2.22
C ASN A 247 -15.15 -19.18 -2.29
N GLU A 248 -16.11 -18.96 -3.21
CA GLU A 248 -17.28 -19.82 -3.43
C GLU A 248 -16.92 -21.27 -3.75
N MET A 249 -17.73 -22.23 -3.24
CA MET A 249 -17.48 -23.64 -3.53
C MET A 249 -18.05 -23.91 -4.91
N LEU A 250 -17.43 -24.83 -5.66
CA LEU A 250 -17.90 -25.22 -6.99
C LEU A 250 -18.86 -26.42 -6.86
N CYS A 251 -18.85 -27.05 -5.67
CA CYS A 251 -19.63 -28.23 -5.28
C CYS A 251 -19.46 -28.54 -3.78
N LYS A 252 -20.16 -29.58 -3.29
CA LYS A 252 -20.09 -30.03 -1.89
C LYS A 252 -18.78 -30.77 -1.70
N THR A 253 -17.99 -30.38 -0.71
CA THR A 253 -16.68 -30.99 -0.45
C THR A 253 -16.79 -32.47 -0.07
N VAL A 254 -15.79 -33.28 -0.47
CA VAL A 254 -15.72 -34.70 -0.11
C VAL A 254 -14.54 -34.95 0.85
N SER A 255 -14.78 -35.73 1.92
CA SER A 255 -13.77 -36.11 2.91
C SER A 255 -13.17 -37.48 2.58
N SER A 256 -12.08 -37.85 3.26
CA SER A 256 -11.46 -39.15 3.02
C SER A 256 -11.75 -40.11 4.16
N SER A 257 -11.25 -41.34 4.04
CA SER A 257 -11.40 -42.38 5.04
C SER A 257 -10.51 -42.05 6.25
N GLU A 258 -10.98 -42.48 7.43
CA GLU A 258 -10.29 -42.31 8.68
C GLU A 258 -9.21 -43.38 8.74
N VAL A 259 -7.96 -42.94 8.56
CA VAL A 259 -6.73 -43.72 8.50
C VAL A 259 -5.82 -43.29 9.67
N ASN A 260 -5.37 -44.25 10.51
CA ASN A 260 -4.54 -44.03 11.71
C ASN A 260 -3.38 -43.07 11.55
N VAL A 261 -3.00 -42.39 12.67
CA VAL A 261 -1.89 -41.44 12.77
C VAL A 261 -0.56 -42.16 12.58
N CYS A 262 0.00 -42.00 11.38
CA CYS A 262 1.28 -42.52 10.91
C CYS A 262 1.97 -41.32 10.28
N SER A 263 3.32 -41.23 10.35
CA SER A 263 4.12 -40.19 9.69
C SER A 263 3.90 -40.31 8.17
N GLU A 264 3.76 -41.57 7.68
CA GLU A 264 3.47 -41.92 6.30
C GLU A 264 2.14 -42.69 6.17
N PRO A 265 0.98 -41.97 6.13
CA PRO A 265 -0.31 -42.66 5.98
C PRO A 265 -0.68 -42.97 4.52
N VAL A 266 -1.36 -44.09 4.29
CA VAL A 266 -1.72 -44.51 2.93
C VAL A 266 -3.25 -44.76 2.78
N TRP A 267 -3.88 -44.05 1.81
CA TRP A 267 -5.30 -44.17 1.48
C TRP A 267 -5.49 -44.92 0.15
N LYS A 268 -4.99 -44.32 -0.97
CA LYS A 268 -5.11 -44.78 -2.36
C LYS A 268 -6.58 -44.80 -2.86
N GLN A 269 -7.47 -44.09 -2.11
CA GLN A 269 -8.91 -43.97 -2.38
C GLN A 269 -9.23 -42.97 -3.48
N ARG A 270 -10.45 -43.07 -4.04
CA ARG A 270 -10.95 -42.20 -5.10
C ARG A 270 -11.87 -41.14 -4.53
N LEU A 271 -11.45 -39.88 -4.63
CA LEU A 271 -12.26 -38.75 -4.16
C LEU A 271 -13.08 -38.25 -5.36
N GLU A 272 -14.36 -38.65 -5.41
CA GLU A 272 -15.28 -38.31 -6.48
C GLU A 272 -16.08 -37.08 -6.09
N PHE A 273 -15.97 -36.03 -6.91
CA PHE A 273 -16.62 -34.75 -6.73
C PHE A 273 -17.80 -34.62 -7.66
N ASP A 274 -18.84 -33.94 -7.17
CA ASP A 274 -20.08 -33.65 -7.86
C ASP A 274 -19.94 -32.41 -8.74
N ILE A 275 -19.15 -32.56 -9.81
CA ILE A 275 -18.88 -31.56 -10.85
C ILE A 275 -18.27 -32.26 -12.06
N SER A 276 -18.84 -32.00 -13.25
CA SER A 276 -18.38 -32.60 -14.51
C SER A 276 -17.12 -31.87 -14.98
N VAL A 277 -16.21 -32.62 -15.64
CA VAL A 277 -14.92 -32.13 -16.16
C VAL A 277 -15.14 -30.85 -17.02
N CYS A 278 -16.17 -30.86 -17.89
CA CYS A 278 -16.56 -29.73 -18.77
C CYS A 278 -16.91 -28.49 -17.94
N ASP A 279 -17.69 -28.71 -16.87
CA ASP A 279 -18.18 -27.67 -15.97
C ASP A 279 -17.11 -26.98 -15.12
N LEU A 280 -15.92 -27.59 -14.96
CA LEU A 280 -14.82 -26.97 -14.21
C LEU A 280 -14.43 -25.64 -14.92
N PRO A 281 -14.33 -24.49 -14.21
CA PRO A 281 -13.95 -23.25 -14.89
C PRO A 281 -12.45 -23.19 -15.12
N ARG A 282 -11.96 -22.13 -15.79
CA ARG A 282 -10.54 -21.97 -16.11
C ARG A 282 -9.69 -21.72 -14.87
N MET A 283 -10.18 -20.89 -13.94
CA MET A 283 -9.48 -20.53 -12.70
C MET A 283 -9.88 -21.43 -11.50
N ALA A 284 -10.15 -22.72 -11.80
CA ALA A 284 -10.56 -23.72 -10.81
C ALA A 284 -9.38 -24.17 -9.93
N ARG A 285 -9.58 -24.20 -8.60
CA ARG A 285 -8.53 -24.64 -7.68
C ARG A 285 -9.00 -25.74 -6.73
N LEU A 286 -8.15 -26.82 -6.58
CA LEU A 286 -8.39 -27.98 -5.74
C LEU A 286 -7.63 -27.86 -4.42
N CYS A 287 -8.39 -27.62 -3.33
CA CYS A 287 -7.90 -27.38 -1.98
C CYS A 287 -7.88 -28.62 -1.07
N PHE A 288 -6.83 -28.80 -0.28
CA PHE A 288 -6.75 -29.95 0.63
C PHE A 288 -6.57 -29.53 2.09
N ALA A 289 -7.08 -30.36 3.01
CA ALA A 289 -6.98 -30.15 4.46
C ALA A 289 -6.62 -31.45 5.17
N LEU A 290 -5.42 -31.52 5.74
CA LEU A 290 -4.99 -32.69 6.49
C LEU A 290 -5.19 -32.41 7.95
N TYR A 291 -6.02 -33.23 8.58
CA TYR A 291 -6.34 -33.03 9.98
C TYR A 291 -6.57 -34.32 10.73
N ALA A 292 -6.04 -34.38 11.95
CA ALA A 292 -6.23 -35.53 12.82
C ALA A 292 -7.45 -35.25 13.65
N VAL A 293 -8.34 -36.25 13.74
CA VAL A 293 -9.59 -36.16 14.47
C VAL A 293 -9.72 -37.34 15.47
N VAL A 294 -10.45 -37.13 16.57
CA VAL A 294 -10.66 -38.13 17.63
C VAL A 294 -11.48 -39.32 17.13
N ASP A 311 -11.64 -31.35 16.82
CA ASP A 311 -10.93 -31.34 15.54
C ASP A 311 -9.54 -30.75 15.71
N CYS A 312 -8.57 -31.20 14.88
CA CYS A 312 -7.19 -30.66 14.94
C CYS A 312 -6.50 -30.60 13.55
N PRO A 313 -6.34 -29.40 12.97
CA PRO A 313 -5.71 -29.31 11.64
C PRO A 313 -4.19 -29.35 11.64
N ILE A 314 -3.64 -30.26 10.82
CA ILE A 314 -2.19 -30.44 10.64
C ILE A 314 -1.66 -29.43 9.63
N ALA A 315 -2.14 -29.51 8.35
CA ALA A 315 -1.69 -28.68 7.25
C ALA A 315 -2.75 -28.52 6.15
N TRP A 316 -2.37 -27.87 5.02
CA TRP A 316 -3.23 -27.57 3.87
C TRP A 316 -2.38 -27.33 2.63
N ALA A 317 -2.95 -27.52 1.43
CA ALA A 317 -2.27 -27.28 0.13
C ALA A 317 -3.27 -27.20 -0.98
N ASN A 318 -3.14 -26.19 -1.87
CA ASN A 318 -4.02 -26.01 -3.03
C ASN A 318 -3.23 -26.08 -4.34
N LEU A 319 -3.94 -26.31 -5.46
CA LEU A 319 -3.37 -26.37 -6.81
C LEU A 319 -4.41 -26.08 -7.89
N MET A 320 -3.97 -25.52 -9.02
CA MET A 320 -4.84 -25.26 -10.16
C MET A 320 -4.89 -26.52 -11.02
N LEU A 321 -6.09 -26.93 -11.40
CA LEU A 321 -6.35 -28.11 -12.26
C LEU A 321 -5.83 -27.89 -13.69
N PHE A 322 -5.79 -26.61 -14.11
CA PHE A 322 -5.26 -26.21 -15.39
C PHE A 322 -3.88 -25.57 -15.18
N ASP A 323 -2.92 -25.90 -16.06
CA ASP A 323 -1.58 -25.31 -16.04
C ASP A 323 -1.68 -23.90 -16.67
N TYR A 324 -0.63 -23.08 -16.51
CA TYR A 324 -0.60 -21.71 -17.05
C TYR A 324 -0.78 -21.65 -18.61
N LYS A 325 -0.40 -22.75 -19.31
CA LYS A 325 -0.55 -22.87 -20.75
C LYS A 325 -1.91 -23.47 -21.13
N ASP A 326 -2.90 -23.39 -20.21
CA ASP A 326 -4.32 -23.78 -20.33
C ASP A 326 -4.61 -25.31 -20.39
N GLN A 327 -3.55 -26.16 -20.27
CA GLN A 327 -3.62 -27.64 -20.28
C GLN A 327 -4.22 -28.19 -18.98
N LEU A 328 -5.17 -29.13 -19.08
CA LEU A 328 -5.77 -29.76 -17.90
C LEU A 328 -4.77 -30.81 -17.37
N LYS A 329 -4.15 -30.52 -16.21
CA LYS A 329 -3.11 -31.33 -15.56
C LYS A 329 -3.48 -32.81 -15.34
N THR A 330 -2.55 -33.71 -15.73
CA THR A 330 -2.65 -35.15 -15.57
C THR A 330 -1.31 -35.71 -15.08
N GLY A 331 -1.41 -36.78 -14.29
CA GLY A 331 -0.25 -37.47 -13.72
C GLY A 331 -0.19 -37.40 -12.21
N GLU A 332 0.98 -37.71 -11.65
CA GLU A 332 1.17 -37.69 -10.21
C GLU A 332 1.64 -36.33 -9.78
N ARG A 333 1.05 -35.85 -8.70
CA ARG A 333 1.35 -34.57 -8.09
C ARG A 333 1.66 -34.78 -6.61
N CYS A 334 2.81 -34.24 -6.15
CA CYS A 334 3.21 -34.30 -4.75
C CYS A 334 3.09 -32.89 -4.17
N LEU A 335 2.06 -32.69 -3.37
CA LEU A 335 1.71 -31.41 -2.77
C LEU A 335 2.45 -31.19 -1.47
N TYR A 336 3.51 -30.36 -1.51
CA TYR A 336 4.29 -30.06 -0.30
C TYR A 336 3.48 -29.02 0.47
N MET A 337 2.64 -29.51 1.41
CA MET A 337 1.70 -28.71 2.21
C MET A 337 2.35 -27.65 3.08
N TRP A 338 1.52 -26.70 3.49
CA TRP A 338 1.84 -25.58 4.36
C TRP A 338 1.13 -25.81 5.69
N PRO A 339 1.71 -25.38 6.82
CA PRO A 339 1.03 -25.56 8.12
C PRO A 339 -0.29 -24.82 8.25
N SER A 340 -1.28 -25.51 8.84
CA SER A 340 -2.60 -24.95 9.10
C SER A 340 -2.52 -24.16 10.40
N VAL A 341 -3.33 -23.05 10.47
CA VAL A 341 -3.47 -22.09 11.59
C VAL A 341 -2.10 -21.68 12.22
N LEU A 348 -12.83 -26.75 6.85
CA LEU A 348 -11.42 -26.71 7.22
C LEU A 348 -10.48 -26.29 6.06
N LEU A 349 -11.06 -25.94 4.90
CA LEU A 349 -10.34 -25.53 3.67
C LEU A 349 -9.94 -24.06 3.59
N ASN A 350 -8.77 -23.77 3.00
CA ASN A 350 -8.31 -22.39 2.86
C ASN A 350 -8.11 -22.01 1.38
N PRO A 351 -9.20 -21.63 0.65
CA PRO A 351 -9.05 -21.29 -0.78
C PRO A 351 -8.01 -20.20 -1.10
N ALA A 352 -8.13 -19.03 -0.44
CA ALA A 352 -7.28 -17.87 -0.61
C ALA A 352 -5.78 -18.18 -0.59
N GLY A 353 -5.39 -19.24 0.12
CA GLY A 353 -4.00 -19.69 0.27
C GLY A 353 -3.35 -20.07 -1.04
N THR A 354 -2.01 -19.87 -1.12
CA THR A 354 -1.17 -20.10 -2.30
C THR A 354 -1.31 -21.50 -2.90
N VAL A 355 -1.32 -21.53 -4.25
CA VAL A 355 -1.43 -22.73 -5.09
C VAL A 355 -0.08 -23.40 -5.37
N ARG A 356 1.04 -22.68 -5.21
CA ARG A 356 2.37 -23.24 -5.42
C ARG A 356 2.83 -23.79 -4.09
N GLY A 357 3.50 -24.94 -4.13
CA GLY A 357 3.94 -25.71 -2.97
C GLY A 357 4.85 -25.03 -1.97
N ASN A 358 5.07 -25.70 -0.83
CA ASN A 358 5.99 -25.23 0.22
C ASN A 358 7.47 -25.48 -0.21
N PRO A 359 8.31 -24.40 -0.26
CA PRO A 359 9.72 -24.58 -0.69
C PRO A 359 10.61 -25.49 0.17
N ASN A 360 10.52 -25.41 1.52
CA ASN A 360 11.30 -26.26 2.43
C ASN A 360 10.62 -27.61 2.45
N THR A 361 11.12 -28.49 1.59
CA THR A 361 10.63 -29.84 1.34
C THR A 361 11.13 -30.85 2.37
N GLU A 362 12.05 -30.44 3.25
CA GLU A 362 12.69 -31.28 4.27
C GLU A 362 11.86 -31.48 5.54
N SER A 363 10.97 -30.54 5.85
CA SER A 363 10.14 -30.59 7.05
C SER A 363 8.68 -30.80 6.66
N ALA A 364 8.25 -30.15 5.55
CA ALA A 364 6.90 -30.15 4.98
C ALA A 364 6.29 -31.53 4.83
N ALA A 365 5.01 -31.65 5.18
CA ALA A 365 4.27 -32.89 5.05
C ALA A 365 3.73 -32.97 3.63
N ALA A 366 4.20 -33.97 2.87
CA ALA A 366 3.78 -34.13 1.48
C ALA A 366 2.51 -34.97 1.31
N LEU A 367 1.67 -34.60 0.35
CA LEU A 367 0.48 -35.36 0.02
C LEU A 367 0.61 -35.72 -1.45
N VAL A 368 0.77 -37.02 -1.78
CA VAL A 368 0.85 -37.41 -3.20
C VAL A 368 -0.57 -37.80 -3.69
N ILE A 369 -0.97 -37.14 -4.76
CA ILE A 369 -2.25 -37.29 -5.44
C ILE A 369 -2.03 -37.66 -6.92
N TYR A 370 -3.08 -38.19 -7.57
CA TYR A 370 -3.02 -38.56 -8.97
C TYR A 370 -4.15 -37.94 -9.76
N LEU A 371 -3.81 -37.05 -10.70
CA LEU A 371 -4.73 -36.42 -11.63
C LEU A 371 -4.88 -37.44 -12.77
N PRO A 372 -6.05 -38.05 -12.97
CA PRO A 372 -6.15 -39.07 -14.03
C PRO A 372 -6.26 -38.51 -15.45
N GLU A 373 -5.86 -39.31 -16.45
CA GLU A 373 -5.94 -38.96 -17.85
C GLU A 373 -7.39 -39.15 -18.28
N VAL A 374 -8.08 -38.05 -18.60
CA VAL A 374 -9.49 -38.04 -18.99
C VAL A 374 -9.71 -38.40 -20.49
N ALA A 375 -8.97 -37.77 -21.42
CA ALA A 375 -9.02 -37.96 -22.88
C ALA A 375 -7.71 -38.61 -23.38
N PRO A 376 -7.63 -39.19 -24.60
CA PRO A 376 -6.37 -39.84 -25.03
C PRO A 376 -5.20 -38.90 -25.35
N HIS A 377 -5.48 -37.59 -25.57
CA HIS A 377 -4.47 -36.56 -25.91
C HIS A 377 -4.63 -35.27 -25.00
N PRO A 378 -3.62 -34.34 -24.90
CA PRO A 378 -3.79 -33.16 -24.02
C PRO A 378 -5.03 -32.28 -24.27
N VAL A 379 -5.74 -31.96 -23.16
CA VAL A 379 -6.94 -31.14 -23.12
C VAL A 379 -6.50 -29.73 -22.74
N TYR A 380 -6.91 -28.73 -23.55
CA TYR A 380 -6.60 -27.33 -23.30
C TYR A 380 -7.91 -26.56 -23.19
N PHE A 381 -8.00 -25.64 -22.20
CA PHE A 381 -9.20 -24.83 -21.98
C PHE A 381 -9.58 -24.04 -23.23
N PRO A 382 -10.87 -24.12 -23.68
CA PRO A 382 -11.26 -23.44 -24.93
C PRO A 382 -10.86 -21.98 -24.99
N ALA A 383 -10.41 -21.55 -26.17
CA ALA A 383 -10.00 -20.19 -26.46
C ALA A 383 -11.23 -19.28 -26.44
N LEU A 384 -11.04 -17.96 -26.26
CA LEU A 384 -12.15 -16.99 -26.24
C LEU A 384 -13.12 -17.12 -27.44
N GLU A 385 -12.58 -17.44 -28.66
CA GLU A 385 -13.33 -17.62 -29.89
C GLU A 385 -14.50 -18.58 -29.68
N LYS A 386 -14.21 -19.77 -29.11
CA LYS A 386 -15.18 -20.81 -28.80
C LYS A 386 -16.12 -20.41 -27.64
N ILE A 387 -15.59 -19.63 -26.65
CA ILE A 387 -16.29 -19.15 -25.46
C ILE A 387 -17.39 -18.15 -25.84
N LEU A 388 -17.03 -17.13 -26.66
CA LEU A 388 -17.94 -16.07 -27.15
C LEU A 388 -19.02 -16.61 -28.10
N GLU A 389 -18.76 -17.73 -28.78
CA GLU A 389 -19.72 -18.35 -29.68
C GLU A 389 -20.92 -18.87 -28.89
N LEU A 390 -20.63 -19.65 -27.81
CA LEU A 390 -21.61 -20.29 -26.92
C LEU A 390 -22.45 -19.30 -26.10
N GLY A 391 -21.80 -18.24 -25.60
CA GLY A 391 -22.44 -17.20 -24.81
C GLY A 391 -23.13 -16.11 -25.59
N ARG A 392 -23.02 -16.16 -26.95
CA ARG A 392 -23.65 -15.21 -27.86
C ARG A 392 -25.18 -15.43 -27.77
N HIS A 393 -25.61 -16.65 -28.17
CA HIS A 393 -26.99 -17.10 -28.20
C HIS A 393 -27.61 -17.24 -26.80
N GLY A 394 -28.84 -16.75 -26.66
CA GLY A 394 -29.63 -16.80 -25.45
C GLY A 394 -30.93 -16.03 -25.56
N GLU A 395 -31.83 -16.18 -24.56
CA GLU A 395 -33.11 -15.48 -24.53
C GLU A 395 -32.89 -14.18 -23.75
N ARG A 396 -33.17 -13.03 -24.41
CA ARG A 396 -33.00 -11.70 -23.80
C ARG A 396 -34.00 -11.46 -22.65
N GLY A 397 -33.62 -10.58 -21.71
CA GLY A 397 -34.43 -10.25 -20.55
C GLY A 397 -35.73 -9.53 -20.85
N ARG A 398 -36.78 -10.31 -21.18
CA ARG A 398 -38.11 -9.81 -21.47
C ARG A 398 -38.93 -9.97 -20.19
N ILE A 399 -39.22 -8.84 -19.52
CA ILE A 399 -39.95 -8.82 -18.25
C ILE A 399 -40.81 -7.56 -18.10
N THR A 400 -41.74 -7.57 -17.13
CA THR A 400 -42.62 -6.43 -16.82
C THR A 400 -41.85 -5.26 -16.20
N GLU A 401 -42.37 -4.02 -16.39
CA GLU A 401 -41.86 -2.77 -15.82
C GLU A 401 -41.93 -2.85 -14.29
N GLU A 402 -42.87 -3.70 -13.80
CA GLU A 402 -43.13 -4.01 -12.40
C GLU A 402 -41.92 -4.76 -11.85
N GLU A 403 -41.46 -5.83 -12.54
CA GLU A 403 -40.28 -6.58 -12.12
C GLU A 403 -38.97 -5.84 -12.47
N GLN A 404 -39.02 -4.92 -13.47
CA GLN A 404 -37.89 -4.05 -13.88
C GLN A 404 -37.64 -3.02 -12.77
N LEU A 405 -38.71 -2.60 -12.05
CA LEU A 405 -38.64 -1.67 -10.92
C LEU A 405 -37.94 -2.37 -9.75
N GLN A 406 -38.32 -3.64 -9.49
CA GLN A 406 -37.73 -4.50 -8.45
C GLN A 406 -36.24 -4.70 -8.71
N LEU A 407 -35.86 -4.85 -10.00
CA LEU A 407 -34.48 -5.03 -10.48
C LEU A 407 -33.61 -3.79 -10.19
N ARG A 408 -34.14 -2.58 -10.44
CA ARG A 408 -33.44 -1.31 -10.19
C ARG A 408 -33.18 -1.16 -8.68
N GLU A 409 -34.17 -1.57 -7.85
CA GLU A 409 -34.11 -1.53 -6.40
C GLU A 409 -32.89 -2.33 -5.93
N ILE A 410 -32.90 -3.65 -6.17
CA ILE A 410 -31.85 -4.60 -5.77
C ILE A 410 -30.47 -4.27 -6.38
N LEU A 411 -30.43 -3.58 -7.53
CA LEU A 411 -29.15 -3.20 -8.10
C LEU A 411 -28.60 -1.94 -7.44
N GLU A 412 -29.45 -0.89 -7.28
CA GLU A 412 -29.09 0.38 -6.63
C GLU A 412 -28.73 0.19 -5.16
N ARG A 413 -29.44 -0.73 -4.46
CA ARG A 413 -29.24 -1.12 -3.06
C ARG A 413 -27.85 -1.75 -2.88
N GLU A 418 -25.40 -8.35 -0.38
CA GLU A 418 -26.02 -9.68 -0.42
C GLU A 418 -27.47 -9.61 -0.91
N LEU A 419 -28.03 -10.76 -1.40
CA LEU A 419 -29.41 -10.85 -1.92
C LEU A 419 -29.99 -12.29 -1.84
N TYR A 420 -31.34 -12.42 -1.94
CA TYR A 420 -32.06 -13.70 -1.89
C TYR A 420 -31.89 -14.49 -3.20
N GLU A 421 -32.36 -15.76 -3.24
CA GLU A 421 -32.23 -16.65 -4.39
C GLU A 421 -33.03 -16.21 -5.59
N HIS A 422 -34.30 -15.80 -5.42
CA HIS A 422 -35.16 -15.32 -6.52
C HIS A 422 -34.63 -14.02 -7.12
N GLU A 423 -34.04 -13.16 -6.25
CA GLU A 423 -33.43 -11.88 -6.60
C GLU A 423 -32.24 -12.15 -7.51
N LYS A 424 -31.41 -13.16 -7.17
CA LYS A 424 -30.26 -13.57 -7.98
C LYS A 424 -30.77 -13.97 -9.37
N ASP A 425 -31.78 -14.86 -9.41
CA ASP A 425 -32.43 -15.34 -10.64
C ASP A 425 -32.95 -14.18 -11.50
N LEU A 426 -33.37 -13.07 -10.85
CA LEU A 426 -33.84 -11.85 -11.52
C LEU A 426 -32.65 -11.12 -12.12
N VAL A 427 -31.51 -11.05 -11.37
CA VAL A 427 -30.27 -10.39 -11.83
C VAL A 427 -29.67 -11.18 -13.01
N TRP A 428 -29.76 -12.53 -12.97
CA TRP A 428 -29.27 -13.38 -14.06
C TRP A 428 -30.18 -13.33 -15.32
N LYS A 429 -31.50 -13.45 -15.16
CA LYS A 429 -32.42 -13.38 -16.31
C LYS A 429 -32.33 -11.99 -16.99
N MET A 430 -32.11 -10.92 -16.19
CA MET A 430 -32.01 -9.55 -16.68
C MET A 430 -30.60 -9.05 -16.95
N ARG A 431 -29.60 -9.95 -17.00
CA ARG A 431 -28.20 -9.60 -17.24
C ARG A 431 -27.97 -8.61 -18.44
N HIS A 432 -28.69 -8.75 -19.58
CA HIS A 432 -28.52 -7.86 -20.74
C HIS A 432 -28.84 -6.39 -20.41
N GLU A 433 -29.97 -6.17 -19.68
CA GLU A 433 -30.39 -4.85 -19.21
C GLU A 433 -29.31 -4.31 -18.26
N VAL A 434 -28.78 -5.19 -17.37
CA VAL A 434 -27.72 -4.89 -16.41
C VAL A 434 -26.51 -4.30 -17.14
N GLN A 435 -26.12 -4.87 -18.29
CA GLN A 435 -25.04 -4.36 -19.15
C GLN A 435 -25.40 -3.04 -19.83
N GLU A 436 -26.67 -2.91 -20.26
CA GLU A 436 -27.13 -1.73 -20.97
C GLU A 436 -27.35 -0.50 -20.09
N HIS A 437 -28.15 -0.61 -19.01
CA HIS A 437 -28.53 0.55 -18.20
C HIS A 437 -27.85 0.67 -16.86
N PHE A 438 -27.28 -0.43 -16.32
CA PHE A 438 -26.56 -0.35 -15.03
C PHE A 438 -25.16 -1.01 -15.12
N PRO A 439 -24.16 -0.53 -15.93
CA PRO A 439 -22.89 -1.28 -16.05
C PRO A 439 -22.06 -1.40 -14.77
N GLU A 440 -22.03 -0.33 -13.92
CA GLU A 440 -21.31 -0.32 -12.63
C GLU A 440 -21.69 -1.54 -11.76
N ALA A 441 -22.91 -2.07 -11.97
CA ALA A 441 -23.47 -3.24 -11.31
C ALA A 441 -22.96 -4.58 -11.93
N LEU A 442 -21.72 -4.58 -12.51
CA LEU A 442 -21.09 -5.78 -13.09
C LEU A 442 -20.75 -6.78 -12.02
N ALA A 443 -20.03 -6.34 -10.98
CA ALA A 443 -19.61 -7.21 -9.89
C ALA A 443 -20.78 -8.00 -9.30
N ARG A 444 -21.91 -7.32 -8.95
CA ARG A 444 -23.07 -8.04 -8.38
C ARG A 444 -23.62 -9.09 -9.31
N LEU A 445 -23.59 -8.82 -10.63
CA LEU A 445 -24.01 -9.78 -11.66
C LEU A 445 -23.02 -10.96 -11.70
N LEU A 446 -21.71 -10.69 -11.55
CA LEU A 446 -20.73 -11.77 -11.59
C LEU A 446 -20.93 -12.72 -10.43
N LEU A 447 -21.53 -12.22 -9.33
CA LEU A 447 -21.78 -13.01 -8.12
C LEU A 447 -23.06 -13.85 -8.21
N VAL A 448 -24.04 -13.46 -9.07
CA VAL A 448 -25.23 -14.28 -9.29
C VAL A 448 -24.89 -15.40 -10.31
N THR A 449 -23.78 -15.23 -11.08
CA THR A 449 -23.33 -16.19 -12.09
C THR A 449 -22.95 -17.50 -11.40
N LYS A 450 -23.30 -18.64 -12.06
CA LYS A 450 -23.00 -20.01 -11.62
C LYS A 450 -21.74 -20.46 -12.36
N TRP A 451 -20.56 -20.26 -11.73
CA TRP A 451 -19.26 -20.59 -12.35
C TRP A 451 -19.01 -22.12 -12.42
N ASN A 452 -19.95 -22.94 -11.89
CA ASN A 452 -19.91 -24.41 -11.89
C ASN A 452 -20.68 -25.03 -13.05
N LYS A 453 -21.08 -24.20 -14.03
CA LYS A 453 -21.77 -24.62 -15.26
C LYS A 453 -21.09 -23.88 -16.42
N HIS A 454 -20.52 -24.65 -17.37
CA HIS A 454 -19.76 -24.13 -18.54
C HIS A 454 -20.48 -23.02 -19.34
N GLU A 455 -21.79 -23.25 -19.67
CA GLU A 455 -22.64 -22.40 -20.51
C GLU A 455 -23.04 -21.05 -19.89
N ASP A 456 -23.21 -20.98 -18.57
CA ASP A 456 -23.55 -19.75 -17.86
C ASP A 456 -22.35 -18.79 -17.89
N VAL A 457 -21.12 -19.35 -17.76
CA VAL A 457 -19.84 -18.63 -17.80
C VAL A 457 -19.62 -18.06 -19.22
N ALA A 458 -19.86 -18.88 -20.27
CA ALA A 458 -19.74 -18.45 -21.67
C ALA A 458 -20.69 -17.30 -21.91
N GLN A 459 -21.91 -17.38 -21.33
CA GLN A 459 -22.92 -16.31 -21.37
C GLN A 459 -22.41 -15.04 -20.67
N MET A 460 -21.79 -15.19 -19.48
CA MET A 460 -21.23 -14.07 -18.70
C MET A 460 -20.06 -13.37 -19.39
N LEU A 461 -19.05 -14.16 -19.84
CA LEU A 461 -17.87 -13.65 -20.52
C LEU A 461 -18.22 -12.93 -21.85
N TYR A 462 -19.34 -13.33 -22.53
CA TYR A 462 -19.82 -12.67 -23.75
C TYR A 462 -20.34 -11.27 -23.42
N LEU A 463 -20.90 -11.09 -22.20
CA LEU A 463 -21.40 -9.81 -21.74
C LEU A 463 -20.24 -8.95 -21.24
N LEU A 464 -19.21 -9.57 -20.60
CA LEU A 464 -18.03 -8.85 -20.12
C LEU A 464 -17.19 -8.30 -21.29
N CYS A 465 -16.90 -9.16 -22.30
CA CYS A 465 -16.09 -8.81 -23.48
C CYS A 465 -16.62 -7.57 -24.17
N SER A 466 -17.96 -7.43 -24.23
CA SER A 466 -18.64 -6.28 -24.79
C SER A 466 -19.21 -5.34 -23.67
N TRP A 467 -18.54 -5.28 -22.51
CA TRP A 467 -18.98 -4.48 -21.38
C TRP A 467 -18.21 -3.17 -21.33
N PRO A 468 -18.87 -2.02 -21.08
CA PRO A 468 -18.14 -0.74 -21.01
C PRO A 468 -17.13 -0.67 -19.86
N GLU A 469 -16.05 0.10 -20.09
CA GLU A 469 -14.97 0.33 -19.11
C GLU A 469 -15.52 1.08 -17.88
N LEU A 470 -15.54 0.39 -16.73
CA LEU A 470 -16.03 0.89 -15.45
C LEU A 470 -15.10 2.00 -14.85
N PRO A 471 -15.55 2.82 -13.85
CA PRO A 471 -14.63 3.80 -13.28
C PRO A 471 -13.66 3.11 -12.31
N VAL A 472 -12.54 3.80 -11.97
CA VAL A 472 -11.46 3.33 -11.10
C VAL A 472 -11.93 2.71 -9.76
N LEU A 473 -13.01 3.25 -9.17
CA LEU A 473 -13.59 2.78 -7.90
C LEU A 473 -14.24 1.38 -7.99
N SER A 474 -14.74 1.05 -9.20
CA SER A 474 -15.42 -0.20 -9.52
C SER A 474 -14.41 -1.27 -9.93
N ALA A 475 -13.27 -0.85 -10.54
CA ALA A 475 -12.20 -1.75 -10.98
C ALA A 475 -11.43 -2.30 -9.82
N LEU A 476 -11.42 -1.59 -8.68
CA LEU A 476 -10.74 -2.02 -7.46
C LEU A 476 -11.50 -3.18 -6.80
N GLU A 477 -12.83 -3.23 -6.99
CA GLU A 477 -13.69 -4.28 -6.44
C GLU A 477 -13.43 -5.60 -7.15
N LEU A 478 -13.19 -5.53 -8.47
CA LEU A 478 -12.93 -6.70 -9.32
C LEU A 478 -11.58 -7.37 -9.09
N LEU A 479 -10.64 -6.70 -8.37
CA LEU A 479 -9.32 -7.25 -8.06
C LEU A 479 -9.42 -8.21 -6.90
N ASP A 480 -10.39 -7.99 -6.00
CA ASP A 480 -10.68 -8.85 -4.84
C ASP A 480 -10.79 -10.33 -5.27
N PHE A 481 -10.51 -11.26 -4.34
CA PHE A 481 -10.57 -12.70 -4.62
C PHE A 481 -11.99 -13.23 -4.98
N SER A 482 -13.07 -12.47 -4.62
CA SER A 482 -14.48 -12.80 -4.92
C SER A 482 -14.69 -12.91 -6.43
N PHE A 483 -13.76 -12.32 -7.22
CA PHE A 483 -13.79 -12.33 -8.69
C PHE A 483 -12.49 -12.96 -9.24
N PRO A 484 -12.37 -14.31 -9.12
CA PRO A 484 -11.14 -14.99 -9.58
C PRO A 484 -11.03 -15.23 -11.07
N ASP A 485 -12.09 -14.93 -11.86
CA ASP A 485 -12.03 -15.12 -13.31
C ASP A 485 -10.96 -14.18 -13.89
N CYS A 486 -10.05 -14.76 -14.69
CA CYS A 486 -8.93 -14.05 -15.31
C CYS A 486 -9.36 -13.03 -16.37
N TYR A 487 -10.50 -13.29 -17.06
CA TYR A 487 -11.01 -12.32 -18.04
C TYR A 487 -11.60 -11.10 -17.31
N VAL A 488 -12.15 -11.33 -16.09
CA VAL A 488 -12.73 -10.28 -15.24
C VAL A 488 -11.61 -9.38 -14.72
N GLY A 489 -10.50 -9.99 -14.28
CA GLY A 489 -9.29 -9.32 -13.81
C GLY A 489 -8.63 -8.50 -14.91
N SER A 490 -8.46 -9.08 -16.12
CA SER A 490 -7.90 -8.39 -17.29
C SER A 490 -8.71 -7.10 -17.54
N PHE A 491 -10.07 -7.22 -17.57
CA PHE A 491 -11.04 -6.13 -17.72
C PHE A 491 -10.89 -5.12 -16.60
N ALA A 492 -10.59 -5.60 -15.38
CA ALA A 492 -10.39 -4.75 -14.20
C ALA A 492 -9.19 -3.87 -14.44
N ILE A 493 -8.04 -4.47 -14.86
CA ILE A 493 -6.78 -3.77 -15.17
C ILE A 493 -6.98 -2.82 -16.38
N LYS A 494 -7.78 -3.27 -17.38
CA LYS A 494 -8.17 -2.53 -18.58
C LYS A 494 -8.98 -1.29 -18.16
N SER A 495 -9.85 -1.43 -17.13
CA SER A 495 -10.61 -0.30 -16.57
C SER A 495 -9.76 0.56 -15.62
N LEU A 496 -8.64 0.00 -15.12
CA LEU A 496 -7.71 0.67 -14.22
C LEU A 496 -6.62 1.44 -14.95
N ARG A 497 -6.30 1.06 -16.21
CA ARG A 497 -5.19 1.68 -16.94
C ARG A 497 -5.22 3.20 -16.89
N LYS A 498 -6.44 3.79 -16.82
CA LYS A 498 -6.68 5.24 -16.79
C LYS A 498 -6.17 5.88 -15.53
N LEU A 499 -5.81 5.09 -14.52
CA LEU A 499 -5.26 5.58 -13.26
C LEU A 499 -4.18 6.61 -13.51
N THR A 500 -4.23 7.68 -12.73
CA THR A 500 -3.23 8.72 -12.79
C THR A 500 -2.04 8.21 -11.93
N ASP A 501 -0.80 8.57 -12.28
CA ASP A 501 0.38 8.11 -11.56
C ASP A 501 0.30 8.48 -10.09
N ASP A 502 -0.42 9.57 -9.76
CA ASP A 502 -0.63 9.94 -8.35
C ASP A 502 -1.56 8.95 -7.66
N GLU A 503 -2.72 8.68 -8.31
CA GLU A 503 -3.72 7.70 -7.86
C GLU A 503 -3.09 6.33 -7.70
N LEU A 504 -2.44 5.80 -8.75
CA LEU A 504 -1.78 4.50 -8.68
C LEU A 504 -0.90 4.38 -7.42
N PHE A 505 -0.06 5.37 -7.16
CA PHE A 505 0.82 5.41 -6.00
C PHE A 505 0.04 5.31 -4.66
N GLN A 506 -1.19 5.85 -4.65
CA GLN A 506 -2.06 5.89 -3.48
C GLN A 506 -2.63 4.47 -3.19
N TYR A 507 -2.75 3.66 -4.24
CA TYR A 507 -3.33 2.33 -4.14
C TYR A 507 -2.34 1.18 -4.41
N LEU A 508 -1.05 1.51 -4.63
CA LEU A 508 0.05 0.58 -4.93
C LEU A 508 0.25 -0.46 -3.82
N LEU A 509 0.15 -0.03 -2.53
CA LEU A 509 0.26 -0.96 -1.40
C LEU A 509 -0.76 -2.07 -1.61
N GLN A 510 -1.99 -1.71 -1.97
CA GLN A 510 -3.07 -2.67 -2.19
C GLN A 510 -2.89 -3.54 -3.44
N LEU A 511 -2.71 -2.93 -4.62
CA LEU A 511 -2.52 -3.71 -5.84
C LEU A 511 -1.31 -4.67 -5.74
N VAL A 512 -0.31 -4.38 -4.88
CA VAL A 512 0.85 -5.25 -4.66
C VAL A 512 0.42 -6.41 -3.77
N GLN A 513 -0.58 -6.22 -2.90
CA GLN A 513 -1.10 -7.33 -2.07
C GLN A 513 -1.95 -8.30 -2.90
N VAL A 514 -2.65 -7.80 -3.95
CA VAL A 514 -3.48 -8.58 -4.89
C VAL A 514 -2.59 -9.57 -5.65
N LEU A 515 -1.25 -9.30 -5.73
CA LEU A 515 -0.31 -10.23 -6.39
C LEU A 515 -0.24 -11.56 -5.66
N LYS A 516 -0.64 -11.61 -4.39
CA LYS A 516 -0.70 -12.84 -3.61
C LYS A 516 -1.98 -13.66 -3.92
N TYR A 517 -2.96 -13.05 -4.61
CA TYR A 517 -4.19 -13.74 -5.00
C TYR A 517 -4.05 -14.38 -6.36
N GLU A 518 -2.92 -14.09 -7.05
CA GLU A 518 -2.59 -14.59 -8.38
C GLU A 518 -2.34 -16.08 -8.37
N SER A 519 -2.87 -16.77 -9.39
CA SER A 519 -2.77 -18.21 -9.59
C SER A 519 -1.53 -18.54 -10.40
N TYR A 520 -1.23 -17.70 -11.42
CA TYR A 520 -0.11 -17.89 -12.34
C TYR A 520 0.88 -16.74 -12.22
N LEU A 521 2.15 -17.02 -12.47
CA LEU A 521 3.24 -16.04 -12.36
C LEU A 521 3.08 -14.86 -13.29
N ASP A 522 2.85 -15.11 -14.59
CA ASP A 522 2.66 -14.07 -15.61
C ASP A 522 1.19 -13.68 -15.63
N CYS A 523 0.92 -12.41 -15.36
CA CYS A 523 -0.45 -11.88 -15.29
C CYS A 523 -0.52 -10.36 -15.61
N GLU A 524 -1.72 -9.88 -15.99
CA GLU A 524 -1.98 -8.47 -16.35
C GLU A 524 -1.46 -7.52 -15.30
N LEU A 525 -1.81 -7.79 -14.01
CA LEU A 525 -1.42 -6.98 -12.86
C LEU A 525 0.10 -6.91 -12.75
N THR A 526 0.84 -8.05 -12.92
CA THR A 526 2.32 -8.03 -12.86
C THR A 526 2.85 -7.14 -13.98
N LYS A 527 2.37 -7.34 -15.25
CA LYS A 527 2.79 -6.57 -16.44
C LYS A 527 2.50 -5.07 -16.34
N PHE A 528 1.30 -4.71 -15.80
CA PHE A 528 0.80 -3.34 -15.57
C PHE A 528 1.62 -2.63 -14.55
N LEU A 529 1.88 -3.27 -13.38
CA LEU A 529 2.68 -2.67 -12.32
C LEU A 529 4.09 -2.49 -12.81
N LEU A 530 4.67 -3.52 -13.49
CA LEU A 530 6.05 -3.40 -14.00
C LEU A 530 6.21 -2.22 -14.99
N GLY A 531 5.30 -2.15 -15.97
CA GLY A 531 5.25 -1.11 -16.98
C GLY A 531 5.05 0.28 -16.40
N ARG A 532 4.25 0.39 -15.33
CA ARG A 532 4.01 1.66 -14.65
C ARG A 532 5.24 2.05 -13.81
N ALA A 533 5.83 1.07 -13.05
CA ALA A 533 7.04 1.25 -12.23
C ALA A 533 8.26 1.76 -13.04
N LEU A 534 8.35 1.35 -14.31
CA LEU A 534 9.42 1.76 -15.20
C LEU A 534 9.08 3.08 -15.86
N ALA A 535 7.84 3.57 -15.66
CA ALA A 535 7.38 4.84 -16.24
C ALA A 535 7.36 6.00 -15.22
N ASN A 536 7.74 5.71 -13.96
CA ASN A 536 7.77 6.67 -12.86
C ASN A 536 8.76 6.10 -11.84
N ARG A 537 9.91 6.76 -11.63
CA ARG A 537 10.95 6.30 -10.70
C ARG A 537 10.48 6.15 -9.22
N LYS A 538 9.44 6.93 -8.79
CA LYS A 538 8.88 6.83 -7.45
C LYS A 538 8.04 5.57 -7.32
N ILE A 539 7.14 5.28 -8.30
CA ILE A 539 6.35 4.04 -8.31
C ILE A 539 7.34 2.86 -8.25
N GLY A 540 8.38 2.90 -9.09
CA GLY A 540 9.45 1.90 -9.13
C GLY A 540 10.18 1.75 -7.81
N HIS A 541 10.44 2.85 -7.13
CA HIS A 541 11.10 2.84 -5.83
C HIS A 541 10.27 2.07 -4.81
N PHE A 542 8.97 2.45 -4.67
CA PHE A 542 8.01 1.90 -3.71
C PHE A 542 7.61 0.48 -4.03
N LEU A 543 7.45 0.15 -5.34
CA LEU A 543 7.13 -1.21 -5.81
C LEU A 543 8.22 -2.14 -5.31
N PHE A 544 9.49 -1.80 -5.61
CA PHE A 544 10.63 -2.61 -5.18
C PHE A 544 10.59 -2.87 -3.69
N TRP A 545 10.48 -1.82 -2.89
CA TRP A 545 10.51 -1.92 -1.42
C TRP A 545 9.32 -2.69 -0.85
N HIS A 546 8.14 -2.68 -1.50
CA HIS A 546 6.98 -3.45 -1.03
C HIS A 546 7.19 -4.96 -1.30
N LEU A 547 7.95 -5.25 -2.39
CA LEU A 547 8.36 -6.57 -2.83
C LEU A 547 9.52 -7.10 -1.93
N ARG A 548 10.60 -6.30 -1.83
CA ARG A 548 11.80 -6.60 -1.07
C ARG A 548 11.52 -6.97 0.36
N SER A 549 10.68 -6.17 1.04
CA SER A 549 10.30 -6.34 2.44
C SER A 549 9.64 -7.69 2.77
N GLU A 550 9.14 -8.43 1.74
CA GLU A 550 8.47 -9.71 1.97
C GLU A 550 9.25 -10.91 1.42
N MET A 551 10.58 -10.77 1.20
CA MET A 551 11.41 -11.87 0.68
C MET A 551 11.63 -12.97 1.68
N HIS A 552 11.48 -12.66 2.99
CA HIS A 552 11.62 -13.66 4.06
C HIS A 552 10.44 -14.62 4.01
N VAL A 553 9.24 -14.10 3.65
CA VAL A 553 8.03 -14.92 3.53
C VAL A 553 8.19 -15.94 2.39
N PRO A 554 8.27 -17.25 2.73
CA PRO A 554 8.44 -18.27 1.68
C PRO A 554 7.31 -18.41 0.66
N SER A 555 6.06 -18.00 0.98
CA SER A 555 4.94 -18.15 0.02
C SER A 555 4.97 -17.15 -1.13
N VAL A 556 5.85 -16.11 -1.05
CA VAL A 556 5.99 -15.05 -2.07
C VAL A 556 7.43 -14.83 -2.54
N ALA A 557 8.44 -15.23 -1.76
CA ALA A 557 9.85 -15.06 -2.13
C ALA A 557 10.16 -15.33 -3.63
N LEU A 558 9.50 -16.35 -4.24
CA LEU A 558 9.69 -16.66 -5.66
C LEU A 558 9.13 -15.56 -6.55
N ARG A 559 7.79 -15.38 -6.55
CA ARG A 559 7.04 -14.40 -7.33
C ARG A 559 7.75 -13.04 -7.30
N PHE A 560 7.84 -12.47 -6.10
CA PHE A 560 8.45 -11.20 -5.75
C PHE A 560 9.87 -11.02 -6.29
N GLY A 561 10.72 -12.03 -6.07
CA GLY A 561 12.10 -12.05 -6.55
C GLY A 561 12.16 -11.90 -8.06
N LEU A 562 11.33 -12.68 -8.77
CA LEU A 562 11.18 -12.63 -10.22
C LEU A 562 10.69 -11.27 -10.69
N ILE A 563 9.70 -10.66 -9.99
CA ILE A 563 9.13 -9.32 -10.33
C ILE A 563 10.25 -8.26 -10.26
N MET A 564 11.02 -8.28 -9.15
CA MET A 564 12.13 -7.39 -8.85
C MET A 564 13.31 -7.64 -9.80
N GLU A 565 13.53 -8.91 -10.23
CA GLU A 565 14.65 -9.23 -11.14
C GLU A 565 14.35 -8.62 -12.49
N ALA A 566 13.06 -8.72 -12.90
CA ALA A 566 12.58 -8.19 -14.16
C ALA A 566 12.72 -6.70 -14.14
N TYR A 567 12.32 -6.03 -13.01
CA TYR A 567 12.39 -4.56 -12.85
C TYR A 567 13.80 -4.04 -13.02
N CYS A 568 14.77 -4.78 -12.44
CA CYS A 568 16.19 -4.46 -12.49
C CYS A 568 16.72 -4.47 -13.91
N ARG A 569 16.21 -5.37 -14.74
CA ARG A 569 16.59 -5.43 -16.16
C ARG A 569 16.14 -4.15 -16.91
N GLY A 570 15.10 -3.52 -16.36
CA GLY A 570 14.49 -2.31 -16.90
C GLY A 570 15.02 -1.02 -16.37
N SER A 571 15.79 -1.04 -15.27
CA SER A 571 16.44 0.14 -14.67
C SER A 571 17.72 -0.22 -13.91
N THR A 572 18.80 -0.46 -14.67
CA THR A 572 20.12 -0.85 -14.17
C THR A 572 20.62 0.18 -13.14
N HIS A 573 20.48 1.49 -13.45
CA HIS A 573 20.93 2.57 -12.57
C HIS A 573 20.14 2.61 -11.23
N HIS A 574 18.79 2.52 -11.26
CA HIS A 574 17.98 2.47 -10.03
C HIS A 574 18.38 1.26 -9.17
N MET A 575 18.80 0.13 -9.82
CA MET A 575 19.26 -1.12 -9.19
C MET A 575 20.50 -0.84 -8.36
N LYS A 576 21.32 0.14 -8.82
CA LYS A 576 22.52 0.59 -8.14
C LYS A 576 22.12 1.50 -6.98
N VAL A 577 21.09 2.34 -7.19
CA VAL A 577 20.58 3.30 -6.21
C VAL A 577 19.97 2.55 -5.03
N LEU A 578 19.13 1.53 -5.29
CA LEU A 578 18.47 0.76 -4.25
C LEU A 578 19.47 -0.14 -3.50
N MET A 579 20.57 -0.56 -4.20
CA MET A 579 21.68 -1.35 -3.63
C MET A 579 22.41 -0.46 -2.68
N LYS A 580 22.52 0.84 -3.00
CA LYS A 580 23.17 1.83 -2.13
C LYS A 580 22.38 1.95 -0.83
N GLN A 581 21.03 2.04 -0.96
CA GLN A 581 20.05 2.14 0.14
C GLN A 581 20.09 0.90 1.02
N GLY A 582 20.14 -0.26 0.38
CA GLY A 582 20.19 -1.56 1.02
C GLY A 582 21.42 -1.70 1.89
N GLU A 583 22.59 -1.37 1.34
CA GLU A 583 23.87 -1.41 2.03
C GLU A 583 23.89 -0.54 3.29
N ALA A 584 23.09 0.55 3.32
CA ALA A 584 22.95 1.47 4.47
C ALA A 584 22.14 0.79 5.55
N LEU A 585 21.01 0.15 5.13
CA LEU A 585 20.11 -0.57 6.03
C LEU A 585 20.78 -1.83 6.55
N SER A 586 21.82 -2.34 5.84
CA SER A 586 22.53 -3.51 6.33
C SER A 586 23.30 -3.09 7.57
N LYS A 587 24.04 -1.98 7.45
CA LYS A 587 24.85 -1.36 8.51
C LYS A 587 24.01 -0.95 9.74
N LEU A 588 22.80 -0.36 9.50
CA LEU A 588 21.87 0.04 10.55
C LEU A 588 21.36 -1.18 11.34
N LYS A 589 21.16 -2.36 10.67
CA LYS A 589 20.72 -3.60 11.33
C LYS A 589 21.79 -4.11 12.26
N ALA A 590 23.03 -4.04 11.81
CA ALA A 590 24.21 -4.41 12.58
C ALA A 590 24.39 -3.42 13.77
N LEU A 591 24.27 -2.10 13.50
CA LEU A 591 24.40 -1.05 14.51
C LEU A 591 23.35 -1.19 15.59
N ASN A 592 22.06 -1.41 15.18
CA ASN A 592 20.93 -1.59 16.10
C ASN A 592 21.18 -2.82 16.99
N ASP A 593 21.79 -3.89 16.42
CA ASP A 593 22.14 -5.09 17.19
C ASP A 593 23.12 -4.79 18.32
N PHE A 594 24.13 -3.95 18.05
CA PHE A 594 25.03 -3.60 19.12
C PHE A 594 24.18 -2.91 20.18
N VAL A 595 23.38 -1.88 19.76
CA VAL A 595 22.53 -1.04 20.63
C VAL A 595 21.60 -1.91 21.50
N LYS A 596 20.93 -2.91 20.91
CA LYS A 596 20.07 -3.84 21.66
C LYS A 596 20.84 -4.54 22.80
N VAL A 597 22.08 -4.98 22.51
CA VAL A 597 22.94 -5.70 23.44
C VAL A 597 23.47 -4.76 24.47
N SER A 598 24.18 -3.70 24.03
CA SER A 598 24.84 -2.75 24.91
C SER A 598 23.91 -2.04 25.90
N SER A 599 22.68 -1.68 25.44
CA SER A 599 21.67 -1.00 26.26
C SER A 599 21.32 -1.83 27.50
N GLN A 600 21.55 -3.14 27.42
CA GLN A 600 21.30 -4.07 28.51
C GLN A 600 22.43 -3.99 29.52
N LYS A 601 23.69 -4.14 29.05
CA LYS A 601 24.86 -4.17 29.92
C LYS A 601 25.21 -2.79 30.54
N THR A 602 25.54 -1.78 29.71
CA THR A 602 25.94 -0.44 30.17
C THR A 602 24.79 0.59 30.13
N THR A 603 25.09 1.85 30.52
CA THR A 603 24.16 2.99 30.60
C THR A 603 23.91 3.56 29.19
N LYS A 604 22.86 4.40 29.03
CA LYS A 604 22.58 5.03 27.74
C LYS A 604 23.71 6.00 27.30
N PRO A 605 24.27 6.92 28.15
CA PRO A 605 25.39 7.76 27.67
C PRO A 605 26.56 6.97 27.08
N GLN A 606 26.89 5.79 27.67
CA GLN A 606 28.00 4.93 27.23
C GLN A 606 27.63 4.10 25.99
N THR A 607 26.35 3.72 25.81
CA THR A 607 25.90 3.02 24.59
C THR A 607 25.85 4.08 23.45
N LYS A 608 25.23 5.26 23.72
CA LYS A 608 25.15 6.42 22.82
C LYS A 608 26.55 6.84 22.35
N GLU A 609 27.62 6.51 23.10
CA GLU A 609 28.98 6.85 22.69
C GLU A 609 29.65 5.76 21.84
N MET A 610 29.61 4.47 22.27
CA MET A 610 30.23 3.40 21.47
C MET A 610 29.38 3.05 20.23
N MET A 611 28.22 3.72 20.06
CA MET A 611 27.38 3.59 18.86
C MET A 611 27.87 4.65 17.85
N HIS A 612 28.32 5.83 18.35
CA HIS A 612 28.84 6.92 17.53
C HIS A 612 30.15 6.50 16.95
N MET A 613 31.08 6.05 17.83
CA MET A 613 32.42 5.53 17.51
C MET A 613 32.35 4.52 16.39
N CYS A 614 31.34 3.65 16.50
CA CYS A 614 31.04 2.59 15.57
C CYS A 614 30.59 3.17 14.20
N MET A 615 29.71 4.22 14.20
CA MET A 615 29.19 4.93 13.02
C MET A 615 30.27 5.74 12.33
N ARG A 616 31.32 6.09 13.08
CA ARG A 616 32.49 6.87 12.67
C ARG A 616 33.43 6.04 11.83
N GLN A 617 33.33 4.71 11.89
CA GLN A 617 34.17 3.82 11.08
C GLN A 617 33.94 4.05 9.59
N GLU A 618 35.02 3.95 8.79
CA GLU A 618 35.00 4.16 7.33
C GLU A 618 33.88 3.40 6.58
N THR A 619 33.53 2.19 7.04
CA THR A 619 32.48 1.35 6.44
C THR A 619 31.13 1.96 6.71
N TYR A 620 30.90 2.37 7.96
CA TYR A 620 29.68 2.98 8.40
C TYR A 620 29.48 4.33 7.72
N MET A 621 30.46 5.24 7.88
CA MET A 621 30.49 6.56 7.24
C MET A 621 30.20 6.50 5.72
N GLU A 622 30.76 5.50 5.03
CA GLU A 622 30.51 5.38 3.61
C GLU A 622 29.11 4.88 3.34
N ALA A 623 28.70 3.75 3.94
CA ALA A 623 27.39 3.12 3.69
C ALA A 623 26.18 3.93 4.08
N LEU A 624 26.19 4.55 5.28
CA LEU A 624 25.11 5.40 5.81
C LEU A 624 25.04 6.81 5.17
N SER A 625 25.95 7.18 4.28
CA SER A 625 25.93 8.53 3.72
C SER A 625 25.73 8.60 2.21
N HIS A 626 25.20 9.75 1.73
CA HIS A 626 24.97 10.12 0.33
C HIS A 626 24.07 9.12 -0.35
N LEU A 627 22.77 9.24 -0.04
CA LEU A 627 21.76 8.34 -0.55
C LEU A 627 20.31 8.93 -0.58
N GLN A 628 19.42 8.21 -1.25
CA GLN A 628 18.02 8.54 -1.32
C GLN A 628 17.35 7.85 -0.14
N SER A 629 16.22 8.37 0.29
CA SER A 629 15.54 7.77 1.41
C SER A 629 14.53 6.71 0.96
N PRO A 630 14.58 5.48 1.55
CA PRO A 630 13.54 4.49 1.26
C PRO A 630 12.13 5.05 1.65
N LEU A 631 12.09 5.99 2.63
CA LEU A 631 10.87 6.68 3.06
C LEU A 631 10.30 7.64 1.98
N ASP A 632 11.18 8.21 1.08
CA ASP A 632 10.84 9.12 -0.04
C ASP A 632 12.09 9.33 -0.92
N PRO A 633 12.09 8.94 -2.22
CA PRO A 633 13.32 9.11 -3.03
C PRO A 633 13.65 10.55 -3.44
N SER A 634 12.73 11.51 -3.19
CA SER A 634 12.92 12.93 -3.47
C SER A 634 13.89 13.46 -2.40
N THR A 635 13.75 12.90 -1.18
CA THR A 635 14.57 13.16 0.01
C THR A 635 15.97 12.54 -0.21
N LEU A 636 17.02 13.40 -0.23
CA LEU A 636 18.43 12.99 -0.38
C LEU A 636 19.14 13.06 0.99
N LEU A 637 19.32 11.90 1.63
CA LEU A 637 19.98 11.79 2.94
C LEU A 637 21.44 11.96 2.61
N GLU A 638 22.01 13.12 2.88
CA GLU A 638 23.37 13.34 2.42
C GLU A 638 24.42 12.97 3.48
N GLU A 639 24.90 13.95 4.30
CA GLU A 639 25.93 13.71 5.33
C GLU A 639 25.28 13.39 6.68
N VAL A 640 25.64 12.24 7.27
CA VAL A 640 25.08 11.80 8.56
C VAL A 640 25.68 12.58 9.78
N CYS A 641 24.77 13.14 10.62
CA CYS A 641 25.13 13.86 11.83
C CYS A 641 25.25 12.88 12.99
N VAL A 642 26.36 12.11 12.98
CA VAL A 642 26.79 11.07 13.94
C VAL A 642 26.61 11.49 15.40
N GLU A 643 26.94 12.76 15.73
CA GLU A 643 26.80 13.24 17.10
C GLU A 643 25.33 13.41 17.47
N GLN A 644 24.49 13.84 16.52
CA GLN A 644 23.05 14.05 16.72
C GLN A 644 22.23 12.73 16.81
N CYS A 645 22.88 11.56 16.57
CA CYS A 645 22.27 10.23 16.56
C CYS A 645 22.09 9.62 17.96
N THR A 646 20.89 9.12 18.25
CA THR A 646 20.59 8.49 19.54
C THR A 646 19.77 7.20 19.32
N PHE A 647 18.95 6.79 20.31
CA PHE A 647 18.09 5.61 20.24
C PHE A 647 17.00 5.68 21.28
N MET A 648 15.74 5.44 20.88
CA MET A 648 14.61 5.44 21.80
C MET A 648 14.72 4.29 22.79
N ASP A 649 14.11 4.48 23.98
CA ASP A 649 14.21 3.57 25.11
C ASP A 649 13.14 2.47 25.14
N SER A 650 12.36 2.31 24.03
CA SER A 650 11.32 1.28 23.92
C SER A 650 11.93 -0.11 23.75
N LYS A 651 11.09 -1.15 23.95
CA LYS A 651 11.45 -2.58 23.87
C LYS A 651 12.54 -2.89 22.81
N MET A 652 12.28 -2.54 21.54
CA MET A 652 13.18 -2.84 20.42
C MET A 652 14.44 -1.99 20.35
N LYS A 653 14.47 -0.86 21.08
CA LYS A 653 15.54 0.15 21.05
C LYS A 653 15.73 0.64 19.58
N PRO A 654 14.77 1.41 19.02
CA PRO A 654 14.93 1.89 17.64
C PRO A 654 16.05 2.91 17.52
N LEU A 655 16.50 3.25 16.30
CA LEU A 655 17.59 4.24 16.19
C LEU A 655 17.15 5.55 15.56
N TRP A 656 17.54 6.69 16.17
CA TRP A 656 17.25 8.03 15.66
C TRP A 656 18.52 8.49 14.88
N ILE A 657 18.45 8.44 13.51
CA ILE A 657 19.56 8.79 12.62
C ILE A 657 19.27 10.16 12.06
N MET A 658 20.27 11.03 12.11
CA MET A 658 20.15 12.40 11.66
C MET A 658 20.97 12.64 10.43
N TYR A 659 20.50 13.53 9.57
CA TYR A 659 21.13 13.86 8.30
C TYR A 659 21.12 15.35 8.11
N SER A 660 22.03 15.87 7.28
CA SER A 660 22.20 17.29 6.98
C SER A 660 22.84 17.45 5.61
N SER A 661 22.49 18.58 4.92
CA SER A 661 22.97 18.91 3.57
C SER A 661 23.40 20.37 3.48
N GLU A 662 24.42 20.66 2.66
CA GLU A 662 24.92 22.00 2.40
C GLU A 662 23.99 22.62 1.37
N GLU A 663 23.65 21.85 0.32
CA GLU A 663 22.80 22.28 -0.78
C GLU A 663 21.36 22.54 -0.39
N ALA A 664 20.72 21.57 0.27
CA ALA A 664 19.34 21.69 0.71
C ALA A 664 19.14 22.75 1.79
N GLY A 665 20.13 22.91 2.68
CA GLY A 665 20.11 23.87 3.78
C GLY A 665 19.35 23.35 4.99
N SER A 666 18.58 24.23 5.65
CA SER A 666 17.74 23.89 6.81
C SER A 666 16.63 22.92 6.46
N ALA A 667 16.22 22.93 5.17
CA ALA A 667 15.22 22.04 4.59
C ALA A 667 15.78 20.63 4.30
N GLY A 668 17.11 20.49 4.39
CA GLY A 668 17.85 19.24 4.18
C GLY A 668 18.20 18.50 5.45
N ASN A 669 18.06 19.16 6.62
CA ASN A 669 18.32 18.55 7.91
C ASN A 669 17.08 17.74 8.17
N VAL A 670 17.19 16.42 7.91
CA VAL A 670 16.13 15.43 8.03
C VAL A 670 16.59 14.41 9.04
N GLY A 671 15.68 13.54 9.47
CA GLY A 671 15.97 12.46 10.39
C GLY A 671 15.18 11.22 10.01
N ILE A 672 15.72 10.03 10.35
CA ILE A 672 15.07 8.71 10.12
C ILE A 672 15.17 7.84 11.40
N ILE A 673 14.25 6.89 11.53
CA ILE A 673 14.12 6.00 12.68
C ILE A 673 14.22 4.60 12.14
N PHE A 674 15.21 3.82 12.63
CA PHE A 674 15.37 2.45 12.14
C PHE A 674 14.83 1.55 13.19
N LYS A 675 13.94 0.62 12.79
CA LYS A 675 13.33 -0.31 13.74
C LYS A 675 13.40 -1.76 13.28
N ASN A 676 13.97 -2.60 14.15
CA ASN A 676 14.13 -4.03 13.94
C ASN A 676 13.54 -4.75 15.15
N GLY A 677 12.49 -5.54 14.91
CA GLY A 677 11.82 -6.29 15.96
C GLY A 677 10.31 -6.33 15.86
N ASP A 678 9.68 -5.22 15.40
CA ASP A 678 8.22 -5.18 15.26
C ASP A 678 7.79 -5.28 13.80
N ASP A 679 6.54 -5.74 13.54
CA ASP A 679 6.00 -5.79 12.19
C ASP A 679 5.46 -4.37 11.89
N LEU A 680 5.93 -3.73 10.80
CA LEU A 680 5.54 -2.34 10.47
C LEU A 680 4.43 -2.18 9.39
N ARG A 681 3.82 -3.31 8.97
CA ARG A 681 2.82 -3.31 7.90
C ARG A 681 1.49 -2.64 8.29
N GLN A 682 1.02 -2.80 9.56
CA GLN A 682 -0.24 -2.17 10.02
C GLN A 682 -0.16 -0.62 10.11
N ASP A 683 0.91 -0.07 10.72
CA ASP A 683 1.17 1.37 10.82
C ASP A 683 1.21 1.93 9.42
N MET A 684 2.02 1.28 8.53
CA MET A 684 2.11 1.72 7.13
C MET A 684 0.70 1.90 6.55
N LEU A 685 -0.19 0.89 6.73
CA LEU A 685 -1.58 0.91 6.32
C LEU A 685 -2.38 2.03 6.99
N THR A 686 -2.28 2.17 8.33
CA THR A 686 -2.98 3.21 9.11
C THR A 686 -2.60 4.64 8.67
N LEU A 687 -1.35 4.81 8.22
CA LEU A 687 -0.81 6.10 7.83
C LEU A 687 -1.13 6.41 6.40
N GLN A 688 -1.37 5.37 5.58
CA GLN A 688 -1.73 5.56 4.18
C GLN A 688 -3.18 5.97 4.14
N MET A 689 -3.96 5.39 5.05
CA MET A 689 -5.35 5.68 5.26
C MET A 689 -5.50 7.12 5.72
N ILE A 690 -4.84 7.55 6.82
CA ILE A 690 -4.80 8.96 7.28
C ILE A 690 -4.39 9.91 6.10
N GLN A 691 -3.31 9.56 5.35
CA GLN A 691 -2.89 10.38 4.22
C GLN A 691 -3.99 10.49 3.14
N LEU A 692 -4.70 9.36 2.85
CA LEU A 692 -5.80 9.32 1.89
C LEU A 692 -6.92 10.22 2.44
N MET A 693 -7.22 10.13 3.76
CA MET A 693 -8.23 10.95 4.46
C MET A 693 -7.92 12.40 4.21
N ASP A 694 -6.66 12.77 4.45
CA ASP A 694 -6.11 14.09 4.21
C ASP A 694 -6.24 14.49 2.70
N VAL A 695 -5.99 13.53 1.75
CA VAL A 695 -6.16 13.81 0.32
C VAL A 695 -7.65 14.06 0.01
N LEU A 696 -8.56 13.20 0.50
CA LEU A 696 -10.01 13.32 0.31
C LEU A 696 -10.57 14.59 0.93
N TRP A 697 -9.99 15.08 2.05
CA TRP A 697 -10.44 16.32 2.67
C TRP A 697 -9.95 17.53 1.86
N LYS A 698 -8.62 17.61 1.57
CA LYS A 698 -8.03 18.69 0.78
C LYS A 698 -8.72 18.84 -0.60
N GLN A 699 -9.16 17.69 -1.20
CA GLN A 699 -9.90 17.66 -2.46
C GLN A 699 -11.20 18.45 -2.32
N GLU A 700 -11.89 18.39 -1.14
CA GLU A 700 -13.10 19.17 -0.87
C GLU A 700 -12.81 20.54 -0.18
N GLY A 701 -11.53 20.93 -0.23
CA GLY A 701 -11.06 22.20 0.31
C GLY A 701 -10.94 22.29 1.81
N LEU A 702 -10.97 21.14 2.54
CA LEU A 702 -10.83 21.12 4.01
C LEU A 702 -9.41 20.65 4.36
N ASP A 703 -8.50 21.58 4.75
CA ASP A 703 -7.11 21.24 5.14
C ASP A 703 -6.99 21.17 6.67
N LEU A 704 -7.12 19.95 7.24
CA LEU A 704 -7.03 19.74 8.68
C LEU A 704 -5.60 19.57 9.18
N ARG A 705 -4.62 20.11 8.41
CA ARG A 705 -3.20 20.18 8.76
C ARG A 705 -2.63 18.88 9.38
N MET A 706 -2.96 17.74 8.79
CA MET A 706 -2.54 16.39 9.22
C MET A 706 -1.03 16.14 9.08
N THR A 707 -0.53 15.08 9.72
CA THR A 707 0.88 14.74 9.64
C THR A 707 1.04 13.23 9.38
N PRO A 708 0.72 12.73 8.15
CA PRO A 708 0.92 11.32 7.88
C PRO A 708 2.40 11.11 7.50
N TYR A 709 3.30 11.14 8.54
CA TYR A 709 4.74 10.89 8.47
C TYR A 709 5.02 9.51 7.82
N GLY A 710 6.16 9.40 7.17
CA GLY A 710 6.55 8.21 6.46
C GLY A 710 6.77 6.99 7.32
N CYS A 711 6.32 5.85 6.82
CA CYS A 711 6.59 4.55 7.40
C CYS A 711 6.81 3.55 6.29
N LEU A 712 7.89 2.73 6.38
CA LEU A 712 8.15 1.77 5.34
C LEU A 712 8.85 0.49 5.80
N PRO A 713 8.13 -0.65 5.81
CA PRO A 713 8.82 -1.92 6.05
C PRO A 713 9.83 -2.14 4.90
N THR A 714 11.08 -2.50 5.27
CA THR A 714 12.22 -2.73 4.38
C THR A 714 12.68 -4.21 4.30
N GLY A 715 12.43 -4.97 5.36
CA GLY A 715 12.81 -6.37 5.44
C GLY A 715 12.07 -7.11 6.53
N ASP A 716 12.66 -8.22 7.03
CA ASP A 716 12.05 -9.07 8.06
C ASP A 716 11.95 -8.33 9.40
N ARG A 717 10.70 -7.95 9.81
CA ARG A 717 10.35 -7.19 11.03
C ARG A 717 11.25 -5.93 11.16
N THR A 718 11.69 -5.40 9.98
CA THR A 718 12.60 -4.27 9.80
C THR A 718 12.02 -3.19 8.88
N GLY A 719 12.16 -1.93 9.30
CA GLY A 719 11.69 -0.74 8.56
C GLY A 719 12.19 0.60 9.04
N LEU A 720 11.70 1.68 8.39
CA LEU A 720 12.05 3.08 8.66
C LEU A 720 10.84 3.94 8.91
N ILE A 721 10.95 4.87 9.88
CA ILE A 721 9.91 5.83 10.27
C ILE A 721 10.51 7.24 10.08
N GLU A 722 9.74 8.17 9.49
CA GLU A 722 10.19 9.55 9.25
C GLU A 722 10.23 10.34 10.53
N VAL A 723 11.34 11.00 10.80
CA VAL A 723 11.45 11.87 11.95
C VAL A 723 10.66 13.15 11.64
N VAL A 724 9.74 13.51 12.51
CA VAL A 724 9.02 14.78 12.38
C VAL A 724 9.74 15.66 13.37
N LEU A 725 10.82 16.34 12.91
CA LEU A 725 11.65 17.24 13.71
C LEU A 725 10.80 18.35 14.29
N HIS A 726 11.21 18.91 15.42
CA HIS A 726 10.52 20.01 16.10
C HIS A 726 9.08 19.61 16.59
N SER A 727 8.94 18.34 17.02
CA SER A 727 7.74 17.75 17.60
C SER A 727 8.09 17.02 18.90
N ASP A 728 7.14 16.92 19.81
CA ASP A 728 7.35 16.27 21.08
C ASP A 728 6.07 15.65 21.58
N THR A 729 6.18 14.49 22.23
CA THR A 729 5.02 13.79 22.79
C THR A 729 4.30 14.65 23.85
N ILE A 730 2.95 14.62 23.83
CA ILE A 730 2.09 15.32 24.83
C ILE A 730 2.70 15.13 26.25
N ALA A 731 2.88 13.85 26.67
CA ALA A 731 3.47 13.36 27.91
C ALA A 731 4.74 14.11 28.32
N ASN A 732 5.70 14.30 27.37
CA ASN A 732 6.97 15.00 27.63
C ASN A 732 6.73 16.42 28.15
N ILE A 733 5.83 17.14 27.50
CA ILE A 733 5.42 18.48 27.88
C ILE A 733 4.62 18.41 29.21
N GLN A 734 3.75 17.38 29.35
CA GLN A 734 2.89 17.18 30.52
C GLN A 734 3.70 16.96 31.77
N LEU A 735 4.95 16.41 31.62
CA LEU A 735 5.87 16.21 32.75
C LEU A 735 6.03 17.48 33.60
N ASN A 736 5.75 18.66 33.01
CA ASN A 736 5.76 19.99 33.61
C ASN A 736 7.04 20.21 34.44
N LYS A 737 8.20 19.98 33.78
CA LYS A 737 9.55 20.10 34.34
C LYS A 737 9.78 21.53 34.88
N SER A 738 10.63 21.67 35.90
CA SER A 738 10.93 23.01 36.41
C SER A 738 11.98 23.70 35.53
N ASN A 739 12.11 25.04 35.67
CA ASN A 739 13.09 25.89 34.97
C ASN A 739 12.84 25.96 33.44
N MET A 740 11.67 25.52 32.98
CA MET A 740 11.36 25.57 31.55
C MET A 740 10.51 26.80 31.18
N ALA A 741 10.35 27.03 29.85
CA ALA A 741 9.57 28.11 29.27
C ALA A 741 8.07 27.79 29.24
N ALA A 742 7.69 26.54 29.56
CA ALA A 742 6.31 26.04 29.61
C ALA A 742 5.76 25.76 31.05
N THR A 743 6.61 25.93 32.12
CA THR A 743 6.28 25.62 33.52
C THR A 743 4.99 26.30 34.02
N ALA A 744 3.97 25.43 34.22
CA ALA A 744 2.60 25.76 34.63
C ALA A 744 2.28 25.66 36.13
N ALA A 745 1.23 26.40 36.53
CA ALA A 745 0.65 26.48 37.87
C ALA A 745 -0.41 25.39 38.02
N PHE A 746 -0.95 24.92 36.87
CA PHE A 746 -1.91 23.83 36.73
C PHE A 746 -1.46 22.92 35.60
N ASN A 747 -1.68 21.58 35.69
CA ASN A 747 -1.29 20.69 34.58
C ASN A 747 -2.08 21.03 33.31
N LYS A 748 -3.33 21.51 33.46
CA LYS A 748 -4.18 21.90 32.33
C LYS A 748 -3.46 22.85 31.36
N ASP A 749 -2.59 23.76 31.90
CA ASP A 749 -1.87 24.81 31.19
C ASP A 749 -0.66 24.36 30.34
N ALA A 750 0.17 23.40 30.83
CA ALA A 750 1.34 22.87 30.13
C ALA A 750 1.33 23.00 28.58
N LEU A 751 0.34 22.41 27.89
CA LEU A 751 0.31 22.51 26.43
C LEU A 751 0.16 23.93 25.93
N LEU A 752 -0.81 24.68 26.48
CA LEU A 752 -1.01 26.07 26.06
C LEU A 752 0.27 26.90 26.28
N ASN A 753 0.85 26.87 27.51
CA ASN A 753 2.11 27.55 27.89
C ASN A 753 3.23 27.12 26.96
N TRP A 754 3.23 25.81 26.56
CA TRP A 754 4.22 25.26 25.67
C TRP A 754 4.07 25.92 24.34
N LEU A 755 2.84 25.94 23.79
CA LEU A 755 2.58 26.60 22.51
C LEU A 755 2.95 28.06 22.62
N LYS A 756 2.62 28.72 23.72
CA LYS A 756 3.01 30.10 23.90
C LYS A 756 4.50 30.28 23.60
N SER A 757 5.37 29.43 24.18
CA SER A 757 6.81 29.55 23.99
C SER A 757 7.26 29.17 22.60
N LYS A 758 6.56 28.24 21.95
CA LYS A 758 6.94 27.88 20.59
C LYS A 758 6.28 28.81 19.57
N ASN A 759 5.42 29.73 20.02
CA ASN A 759 4.66 30.65 19.17
C ASN A 759 4.43 32.01 19.85
N PRO A 760 5.49 32.85 20.01
CA PRO A 760 5.30 34.14 20.71
C PRO A 760 4.44 35.16 19.98
N GLY A 761 3.83 36.04 20.77
CA GLY A 761 2.98 37.13 20.31
C GLY A 761 1.79 36.71 19.49
N GLU A 762 1.61 37.38 18.33
CA GLU A 762 0.52 37.10 17.40
C GLU A 762 0.50 35.66 16.83
N ALA A 763 1.68 34.98 16.83
CA ALA A 763 1.84 33.62 16.32
C ALA A 763 0.99 32.57 17.05
N LEU A 764 0.59 32.85 18.33
CA LEU A 764 -0.20 31.93 19.17
C LEU A 764 -1.54 31.54 18.58
N ASP A 765 -2.30 32.52 18.04
CA ASP A 765 -3.64 32.30 17.47
C ASP A 765 -3.69 31.30 16.31
N ARG A 766 -2.64 31.26 15.45
CA ARG A 766 -2.62 30.30 14.34
C ARG A 766 -2.28 28.95 14.91
N ALA A 767 -1.29 28.87 15.81
CA ALA A 767 -0.87 27.63 16.48
C ALA A 767 -2.05 26.90 17.16
N ILE A 768 -2.92 27.66 17.88
CA ILE A 768 -4.15 27.15 18.52
C ILE A 768 -5.09 26.60 17.43
N GLU A 769 -5.28 27.36 16.33
CA GLU A 769 -6.15 26.96 15.21
C GLU A 769 -5.56 25.71 14.51
N GLU A 770 -4.21 25.65 14.35
CA GLU A 770 -3.41 24.55 13.78
C GLU A 770 -3.63 23.31 14.63
N PHE A 771 -3.74 23.53 15.95
CA PHE A 771 -3.98 22.50 16.94
C PHE A 771 -5.39 21.95 16.76
N THR A 772 -6.42 22.84 16.77
CA THR A 772 -7.85 22.55 16.61
C THR A 772 -8.14 21.65 15.42
N LEU A 773 -7.65 22.01 14.23
CA LEU A 773 -7.90 21.30 12.97
C LEU A 773 -7.34 19.89 12.95
N SER A 774 -6.04 19.76 13.35
CA SER A 774 -5.25 18.54 13.46
C SER A 774 -5.88 17.60 14.46
N CYS A 775 -6.46 18.17 15.53
CA CYS A 775 -7.18 17.47 16.59
C CYS A 775 -8.54 17.00 16.05
N ALA A 776 -9.22 17.83 15.25
CA ALA A 776 -10.50 17.50 14.61
C ALA A 776 -10.27 16.31 13.70
N GLY A 777 -9.23 16.40 12.88
CA GLY A 777 -8.82 15.34 11.98
C GLY A 777 -8.31 14.11 12.68
N TYR A 778 -7.56 14.28 13.75
CA TYR A 778 -7.07 13.07 14.38
C TYR A 778 -8.20 12.33 15.09
N CYS A 779 -9.12 13.04 15.83
CA CYS A 779 -10.30 12.43 16.46
C CYS A 779 -11.08 11.59 15.44
N VAL A 780 -11.44 12.24 14.30
CA VAL A 780 -12.17 11.68 13.14
C VAL A 780 -11.37 10.57 12.42
N ALA A 781 -10.03 10.67 12.36
CA ALA A 781 -9.22 9.61 11.73
C ALA A 781 -9.13 8.37 12.61
N THR A 782 -9.08 8.59 13.94
CA THR A 782 -8.96 7.55 14.96
C THR A 782 -10.30 6.92 15.27
N TYR A 783 -11.43 7.66 15.03
CA TYR A 783 -12.75 7.08 15.25
C TYR A 783 -13.07 6.08 14.12
N VAL A 784 -13.03 6.57 12.86
CA VAL A 784 -13.30 5.79 11.66
C VAL A 784 -12.45 4.51 11.71
N LEU A 785 -11.10 4.64 11.74
CA LEU A 785 -10.18 3.50 11.73
C LEU A 785 -10.20 2.61 13.01
N GLY A 786 -10.87 3.05 14.07
CA GLY A 786 -10.97 2.28 15.30
C GLY A 786 -9.66 2.04 16.00
N ILE A 787 -8.79 3.06 15.98
CA ILE A 787 -7.47 3.04 16.61
C ILE A 787 -7.65 3.16 18.13
N GLY A 788 -7.30 2.10 18.83
CA GLY A 788 -7.32 2.05 20.27
C GLY A 788 -5.91 2.20 20.82
N ASP A 789 -5.79 2.08 22.18
CA ASP A 789 -4.56 2.21 22.95
C ASP A 789 -3.98 3.60 22.72
N ARG A 790 -4.70 4.59 23.20
CA ARG A 790 -4.24 5.95 23.08
C ARG A 790 -3.91 6.52 24.47
N HIS A 791 -2.62 6.39 24.85
CA HIS A 791 -2.11 6.94 26.08
C HIS A 791 -1.40 8.27 25.75
N SER A 792 -0.73 8.92 26.73
CA SER A 792 -0.06 10.23 26.54
C SER A 792 1.16 10.18 25.60
N ASP A 793 1.86 9.04 25.58
CA ASP A 793 3.07 8.77 24.80
C ASP A 793 2.83 8.82 23.28
N ASN A 794 1.85 8.04 22.77
CA ASN A 794 1.60 7.91 21.34
C ASN A 794 0.89 9.08 20.67
N ILE A 795 0.79 10.24 21.36
CA ILE A 795 0.22 11.47 20.81
C ILE A 795 1.39 12.47 20.82
N MET A 796 1.73 13.08 19.67
CA MET A 796 2.81 14.07 19.60
C MET A 796 2.34 15.43 19.07
N ILE A 797 3.00 16.51 19.51
CA ILE A 797 2.68 17.89 19.10
C ILE A 797 3.89 18.57 18.44
N ARG A 798 3.65 19.30 17.36
CA ARG A 798 4.61 20.05 16.56
C ARG A 798 4.66 21.47 17.08
N GLU A 799 5.82 22.14 17.01
CA GLU A 799 5.99 23.52 17.49
C GLU A 799 5.02 24.53 16.82
N SER A 800 4.59 24.24 15.59
CA SER A 800 3.66 25.00 14.76
C SER A 800 2.23 24.98 15.33
N GLY A 801 2.00 24.12 16.32
CA GLY A 801 0.72 23.88 16.97
C GLY A 801 0.13 22.56 16.53
N GLN A 802 0.57 22.09 15.36
CA GLN A 802 0.06 20.87 14.75
C GLN A 802 0.14 19.68 15.72
N LEU A 803 -0.94 18.90 15.84
CA LEU A 803 -1.04 17.70 16.67
C LEU A 803 -1.00 16.50 15.73
N PHE A 804 -0.44 15.38 16.19
CA PHE A 804 -0.47 14.15 15.42
C PHE A 804 -0.38 12.92 16.30
N HIS A 805 -0.69 11.75 15.73
CA HIS A 805 -0.60 10.48 16.44
C HIS A 805 0.62 9.74 15.93
N ILE A 806 1.11 8.77 16.73
CA ILE A 806 2.22 7.86 16.41
C ILE A 806 1.91 6.46 16.93
N ASP A 807 2.70 5.48 16.48
CA ASP A 807 2.70 4.06 16.86
C ASP A 807 1.29 3.45 16.85
N PHE A 808 0.86 2.98 15.68
CA PHE A 808 -0.48 2.46 15.42
C PHE A 808 -0.61 0.93 15.68
N GLY A 809 -0.52 0.61 16.96
CA GLY A 809 -0.58 -0.76 17.44
C GLY A 809 -1.86 -1.52 17.16
N HIS A 810 -3.03 -0.91 17.46
CA HIS A 810 -4.28 -1.64 17.33
C HIS A 810 -5.41 -0.85 16.70
N PHE A 811 -5.65 -1.05 15.40
CA PHE A 811 -6.76 -0.40 14.68
C PHE A 811 -7.97 -1.34 14.67
N LEU A 812 -9.03 -0.96 13.93
CA LEU A 812 -10.29 -1.69 13.76
C LEU A 812 -10.81 -2.35 15.08
N GLY A 813 -10.82 -1.52 16.14
CA GLY A 813 -11.24 -1.87 17.49
C GLY A 813 -10.61 -3.09 18.12
N ASN A 814 -9.46 -3.59 17.59
CA ASN A 814 -8.79 -4.79 18.08
C ASN A 814 -7.58 -4.43 18.90
N GLU A 824 -11.93 -4.10 22.52
CA GLU A 824 -13.03 -4.31 21.57
C GLU A 824 -13.84 -3.01 21.37
N ARG A 825 -14.37 -2.77 20.14
CA ARG A 825 -15.16 -1.61 19.67
C ARG A 825 -14.75 -0.27 20.36
N VAL A 826 -13.77 0.44 19.75
CA VAL A 826 -13.23 1.72 20.21
C VAL A 826 -14.26 2.89 20.04
N PRO A 827 -14.66 3.60 21.13
CA PRO A 827 -15.65 4.68 20.97
C PRO A 827 -15.04 6.02 20.53
N PHE A 828 -15.88 7.08 20.40
CA PHE A 828 -15.35 8.39 20.03
C PHE A 828 -14.52 8.92 21.19
N ILE A 829 -13.32 9.47 20.90
CA ILE A 829 -12.36 9.97 21.88
C ILE A 829 -12.29 11.53 21.87
N LEU A 830 -12.26 12.15 23.07
CA LEU A 830 -12.17 13.60 23.33
C LEU A 830 -11.42 13.76 24.65
N THR A 831 -10.38 14.60 24.67
CA THR A 831 -9.54 14.78 25.87
C THR A 831 -9.48 16.22 26.37
N TYR A 832 -10.02 16.46 27.58
CA TYR A 832 -10.10 17.77 28.23
C TYR A 832 -8.81 18.62 28.19
N ASP A 833 -7.62 17.98 28.21
CA ASP A 833 -6.33 18.70 28.16
C ASP A 833 -6.15 19.45 26.83
N PHE A 834 -6.82 18.96 25.75
CA PHE A 834 -6.80 19.50 24.38
C PHE A 834 -8.03 20.37 24.14
N VAL A 835 -9.15 20.05 24.84
CA VAL A 835 -10.42 20.80 24.84
C VAL A 835 -10.15 22.12 25.61
N HIS A 836 -9.16 22.11 26.52
CA HIS A 836 -8.71 23.29 27.26
C HIS A 836 -7.82 24.16 26.36
N VAL A 837 -7.06 23.53 25.46
CA VAL A 837 -6.21 24.21 24.51
C VAL A 837 -7.08 24.84 23.41
N ILE A 838 -8.07 24.05 22.87
CA ILE A 838 -8.98 24.47 21.79
C ILE A 838 -9.69 25.77 22.15
N GLN A 839 -10.25 25.84 23.38
CA GLN A 839 -10.97 26.98 23.93
C GLN A 839 -10.06 28.15 24.30
N GLN A 840 -8.75 28.09 23.92
CA GLN A 840 -7.69 29.08 24.17
C GLN A 840 -7.56 29.41 25.66
N GLY A 841 -7.25 28.39 26.46
CA GLY A 841 -7.08 28.53 27.90
C GLY A 841 -8.35 28.69 28.71
N LYS A 842 -9.42 29.28 28.12
CA LYS A 842 -10.71 29.50 28.79
C LYS A 842 -11.40 28.19 29.27
N THR A 843 -12.30 28.28 30.29
CA THR A 843 -13.06 27.11 30.79
C THR A 843 -14.34 26.87 30.00
N ASN A 844 -15.11 27.95 29.76
CA ASN A 844 -16.36 27.89 29.02
C ASN A 844 -16.19 28.74 27.75
N ASN A 845 -15.94 28.09 26.60
CA ASN A 845 -15.75 28.75 25.31
C ASN A 845 -16.42 27.91 24.21
N SER A 846 -17.75 27.99 24.20
CA SER A 846 -18.68 27.36 23.29
C SER A 846 -18.39 27.77 21.85
N GLU A 847 -18.02 29.04 21.61
CA GLU A 847 -17.72 29.53 20.25
C GLU A 847 -16.61 28.72 19.61
N LYS A 848 -15.39 28.79 20.21
CA LYS A 848 -14.20 28.10 19.73
C LYS A 848 -14.32 26.61 19.79
N PHE A 849 -14.94 26.03 20.84
CA PHE A 849 -15.12 24.58 20.88
C PHE A 849 -16.04 24.10 19.75
N GLU A 850 -17.23 24.73 19.62
CA GLU A 850 -18.22 24.34 18.62
C GLU A 850 -17.75 24.55 17.17
N ARG A 851 -16.66 25.34 16.97
CA ARG A 851 -16.08 25.44 15.64
C ARG A 851 -15.32 24.10 15.39
N PHE A 852 -14.72 23.52 16.47
CA PHE A 852 -14.01 22.23 16.45
C PHE A 852 -14.97 21.09 16.14
N ARG A 853 -16.21 21.13 16.76
CA ARG A 853 -17.26 20.12 16.50
C ARG A 853 -17.65 20.17 15.03
N GLY A 854 -17.76 21.39 14.49
CA GLY A 854 -18.05 21.64 13.09
C GLY A 854 -17.05 20.98 12.17
N TYR A 855 -15.75 21.10 12.47
CA TYR A 855 -14.66 20.48 11.71
C TYR A 855 -14.76 18.93 11.71
N CYS A 856 -15.04 18.34 12.88
CA CYS A 856 -15.22 16.90 13.03
C CYS A 856 -16.32 16.38 12.12
N GLU A 857 -17.52 17.06 12.13
CA GLU A 857 -18.70 16.73 11.30
C GLU A 857 -18.34 16.82 9.82
N ARG A 858 -17.75 17.96 9.39
CA ARG A 858 -17.32 18.15 8.01
C ARG A 858 -16.39 16.97 7.57
N ALA A 859 -15.29 16.71 8.32
CA ALA A 859 -14.35 15.62 8.05
C ALA A 859 -15.03 14.25 8.02
N TYR A 860 -15.92 13.97 8.99
CA TYR A 860 -16.62 12.69 9.04
C TYR A 860 -17.49 12.44 7.80
N THR A 861 -18.39 13.39 7.45
CA THR A 861 -19.31 13.28 6.30
C THR A 861 -18.59 13.11 4.92
N ILE A 862 -17.40 13.76 4.73
CA ILE A 862 -16.56 13.68 3.52
C ILE A 862 -16.00 12.26 3.46
N LEU A 863 -15.60 11.71 4.63
CA LEU A 863 -15.06 10.35 4.69
C LEU A 863 -16.10 9.29 4.35
N ARG A 864 -17.37 9.49 4.79
CA ARG A 864 -18.50 8.61 4.48
C ARG A 864 -18.82 8.56 2.97
N ARG A 865 -18.70 9.71 2.25
CA ARG A 865 -18.99 9.85 0.80
C ARG A 865 -17.96 9.12 -0.06
N HIS A 866 -16.92 8.53 0.59
CA HIS A 866 -15.82 7.79 0.01
C HIS A 866 -15.64 6.51 0.78
N GLY A 867 -16.73 6.06 1.38
CA GLY A 867 -16.75 4.85 2.19
C GLY A 867 -16.44 3.61 1.37
N LEU A 868 -16.90 3.56 0.11
CA LEU A 868 -16.61 2.38 -0.72
C LEU A 868 -15.14 2.34 -1.09
N LEU A 869 -14.49 3.51 -1.15
CA LEU A 869 -13.05 3.56 -1.41
C LEU A 869 -12.25 2.95 -0.25
N PHE A 870 -12.60 3.29 1.01
CA PHE A 870 -11.94 2.70 2.19
C PHE A 870 -12.30 1.24 2.32
N LEU A 871 -13.58 0.91 2.09
CA LEU A 871 -14.09 -0.46 2.15
C LEU A 871 -13.55 -1.35 1.03
N HIS A 872 -13.05 -0.76 -0.09
CA HIS A 872 -12.45 -1.56 -1.15
C HIS A 872 -10.97 -1.73 -0.88
N LEU A 873 -10.29 -0.69 -0.37
CA LEU A 873 -8.87 -0.77 -0.03
C LEU A 873 -8.62 -1.59 1.23
N PHE A 874 -9.64 -1.77 2.07
CA PHE A 874 -9.47 -2.64 3.24
C PHE A 874 -9.74 -4.08 2.80
N ALA A 875 -10.73 -4.26 1.87
CA ALA A 875 -11.08 -5.56 1.31
C ALA A 875 -9.84 -6.22 0.71
N LEU A 876 -9.20 -5.55 -0.29
CA LEU A 876 -7.96 -5.99 -0.95
C LEU A 876 -6.79 -6.21 0.03
N MET A 877 -6.66 -5.35 1.08
CA MET A 877 -5.57 -5.42 2.08
C MET A 877 -5.57 -6.67 2.95
N ARG A 878 -6.66 -7.47 2.92
CA ARG A 878 -6.83 -8.72 3.69
C ARG A 878 -5.77 -9.72 3.28
N ALA A 879 -5.23 -9.59 2.04
CA ALA A 879 -4.18 -10.41 1.41
C ALA A 879 -2.82 -10.37 2.12
N ALA A 880 -2.56 -9.34 2.97
CA ALA A 880 -1.30 -9.18 3.69
C ALA A 880 -1.20 -10.13 4.86
N GLY A 881 -2.37 -10.51 5.40
CA GLY A 881 -2.49 -11.39 6.56
C GLY A 881 -2.20 -10.69 7.87
N LEU A 882 -2.70 -9.44 8.04
CA LEU A 882 -2.55 -8.65 9.28
C LEU A 882 -3.51 -9.27 10.30
N PRO A 883 -3.05 -9.78 11.47
CA PRO A 883 -3.97 -10.49 12.38
C PRO A 883 -5.16 -9.67 12.91
N GLU A 884 -5.14 -8.33 12.68
CA GLU A 884 -6.21 -7.40 13.06
C GLU A 884 -7.04 -6.98 11.83
N LEU A 885 -6.82 -7.70 10.70
CA LEU A 885 -7.50 -7.57 9.40
C LEU A 885 -7.42 -8.91 8.62
N SER A 886 -8.39 -9.81 8.84
CA SER A 886 -8.44 -11.12 8.16
C SER A 886 -9.88 -11.62 7.83
N CYS A 887 -10.81 -11.49 8.77
CA CYS A 887 -12.17 -11.96 8.55
C CYS A 887 -13.15 -10.83 8.14
N SER A 888 -14.47 -11.15 8.16
CA SER A 888 -15.59 -10.28 7.80
C SER A 888 -15.83 -9.20 8.84
N LYS A 889 -15.81 -9.54 10.15
CA LYS A 889 -16.05 -8.62 11.27
C LYS A 889 -15.13 -7.40 11.29
N ASP A 890 -13.86 -7.55 10.87
CA ASP A 890 -12.91 -6.43 10.80
C ASP A 890 -13.38 -5.35 9.80
N ILE A 891 -13.95 -5.78 8.64
CA ILE A 891 -14.50 -4.91 7.59
C ILE A 891 -15.87 -4.39 8.03
N GLN A 892 -16.46 -5.02 9.08
CA GLN A 892 -17.71 -4.56 9.63
C GLN A 892 -17.41 -3.33 10.45
N TYR A 893 -16.23 -3.28 11.10
CA TYR A 893 -15.87 -2.13 11.89
C TYR A 893 -16.09 -0.81 11.12
N LEU A 894 -15.55 -0.68 9.88
CA LEU A 894 -15.71 0.50 9.02
C LEU A 894 -17.13 0.62 8.51
N LYS A 895 -17.77 -0.53 8.21
CA LYS A 895 -19.17 -0.59 7.80
C LYS A 895 -20.08 -0.24 9.03
N ASP A 896 -19.49 0.27 10.12
CA ASP A 896 -20.16 0.69 11.35
C ASP A 896 -19.74 2.09 11.77
N SER A 897 -18.44 2.42 11.62
CA SER A 897 -17.85 3.72 11.94
C SER A 897 -18.19 4.72 10.85
N LEU A 898 -17.96 4.37 9.56
CA LEU A 898 -18.32 5.21 8.41
C LEU A 898 -19.85 5.20 8.19
N ALA A 899 -20.60 4.34 8.94
CA ALA A 899 -22.06 4.19 8.91
C ALA A 899 -22.67 4.24 7.51
N LEU A 900 -22.40 3.23 6.68
CA LEU A 900 -22.88 3.26 5.28
C LEU A 900 -24.30 2.66 5.06
N GLY A 901 -24.89 2.11 6.13
CA GLY A 901 -26.26 1.60 6.09
C GLY A 901 -27.23 2.77 6.19
N LYS A 902 -26.94 3.68 7.13
CA LYS A 902 -27.69 4.90 7.42
C LYS A 902 -27.49 5.98 6.34
N THR A 903 -28.50 6.83 6.15
CA THR A 903 -28.46 7.96 5.21
C THR A 903 -27.55 9.02 5.81
N GLU A 904 -27.07 10.02 5.01
CA GLU A 904 -26.20 11.06 5.55
C GLU A 904 -26.78 11.70 6.79
N GLU A 905 -28.10 11.89 6.84
CA GLU A 905 -28.74 12.46 8.00
C GLU A 905 -28.79 11.49 9.17
N GLU A 906 -29.12 10.21 8.93
CA GLU A 906 -29.17 9.19 9.98
C GLU A 906 -27.79 8.85 10.56
N ALA A 907 -26.73 9.03 9.75
CA ALA A 907 -25.34 8.79 10.13
C ALA A 907 -24.79 9.99 10.89
N LEU A 908 -25.21 11.20 10.51
CA LEU A 908 -24.83 12.44 11.18
C LEU A 908 -25.43 12.50 12.58
N LYS A 909 -26.68 12.01 12.73
CA LYS A 909 -27.46 11.87 13.96
C LYS A 909 -26.70 10.98 14.97
N HIS A 910 -26.21 9.86 14.47
CA HIS A 910 -25.49 8.85 15.23
C HIS A 910 -24.07 9.31 15.54
N PHE A 911 -23.44 10.15 14.67
CA PHE A 911 -22.07 10.65 14.93
C PHE A 911 -22.08 11.67 16.06
N ARG A 912 -23.09 12.58 16.07
CA ARG A 912 -23.25 13.61 17.09
C ARG A 912 -23.52 12.96 18.45
N VAL A 913 -24.32 11.86 18.44
CA VAL A 913 -24.65 11.05 19.59
C VAL A 913 -23.37 10.34 20.07
N LYS A 914 -22.47 9.97 19.13
CA LYS A 914 -21.20 9.35 19.49
C LYS A 914 -20.20 10.38 20.06
N PHE A 915 -20.16 11.61 19.48
CA PHE A 915 -19.33 12.75 19.90
C PHE A 915 -19.79 13.28 21.27
N ASN A 916 -21.11 13.49 21.49
CA ASN A 916 -21.67 13.97 22.77
C ASN A 916 -21.32 13.02 23.91
N GLU A 917 -21.39 11.69 23.65
CA GLU A 917 -21.04 10.61 24.60
C GLU A 917 -19.56 10.74 25.00
N ALA A 918 -18.70 11.12 24.04
CA ALA A 918 -17.26 11.31 24.22
C ALA A 918 -17.04 12.62 24.98
N LEU A 919 -17.91 13.62 24.72
CA LEU A 919 -17.89 14.94 25.35
C LEU A 919 -18.22 14.77 26.84
N ARG A 920 -19.21 13.89 27.16
CA ARG A 920 -19.63 13.52 28.52
C ARG A 920 -18.51 12.75 29.20
N GLU A 921 -17.84 11.85 28.44
CA GLU A 921 -16.70 11.04 28.91
C GLU A 921 -15.50 11.95 29.26
N SER A 922 -15.30 13.03 28.45
CA SER A 922 -14.28 14.07 28.64
C SER A 922 -14.59 14.90 29.90
N TRP A 923 -15.86 14.88 30.37
CA TRP A 923 -16.33 15.61 31.55
C TRP A 923 -15.93 14.95 32.88
N LYS A 924 -15.13 13.86 32.83
CA LYS A 924 -14.62 13.18 34.01
C LYS A 924 -13.52 14.05 34.63
N THR A 925 -12.84 14.86 33.78
CA THR A 925 -11.77 15.78 34.16
C THR A 925 -12.31 17.18 34.53
N LYS A 926 -13.33 17.68 33.81
CA LYS A 926 -13.93 18.99 34.08
C LYS A 926 -14.65 19.05 35.45
N VAL A 927 -15.10 17.88 35.95
CA VAL A 927 -15.75 17.67 37.25
C VAL A 927 -14.66 17.60 38.33
N ASN A 928 -13.48 17.01 37.98
CA ASN A 928 -12.34 16.87 38.88
C ASN A 928 -11.24 17.88 38.58
N1 6PF B . 8.72 3.31 17.69
N3 6PF B . 11.22 10.78 21.22
C4 6PF B . 8.27 5.52 16.87
C5 6PF B . 7.91 4.18 16.93
C6 6PF B . 7.53 4.07 20.01
C7 6PF B . 7.85 7.84 16.05
C8 6PF B . 7.54 8.58 14.90
C10 6PF B . 7.58 10.91 13.71
C13 6PF B . 8.82 9.86 17.00
C15 6PF B . 10.89 11.21 19.88
C17 6PF B . 10.94 11.08 23.61
C20 6PF B . 8.52 8.51 17.10
O4 6PF B . 9.84 9.06 19.62
C14 6PF B . 10.06 10.17 19.14
C19 6PF B . 12.67 10.63 21.43
C18 6PF B . 12.92 10.04 22.80
O5 6PF B . 12.34 10.85 23.85
C16 6PF B . 10.67 11.67 22.25
N2 6PF B . 9.58 10.58 17.95
C12 6PF B . 8.44 10.61 15.87
C11 6PF B . 8.44 12.08 15.55
O3 6PF B . 8.05 12.15 14.19
C9 6PF B . 7.82 9.94 14.82
C3 6PF B . 7.46 6.42 16.18
C2 6PF B . 6.29 5.93 15.59
N 6PF B . 5.90 4.64 15.62
S 6PF B . 8.91 3.26 19.30
O1 6PF B . 8.89 1.89 19.70
O2 6PF B . 10.07 4.05 19.58
C1 6PF B . 6.70 3.78 16.24
O 6PF B . 6.53 2.45 16.13
C 6PF B . 5.81 1.96 14.99
#